data_3UVE
#
_entry.id   3UVE
#
_cell.length_a   97.610
_cell.length_b   59.440
_cell.length_c   108.650
_cell.angle_alpha   90.000
_cell.angle_beta   90.100
_cell.angle_gamma   90.000
#
_symmetry.space_group_name_H-M   'P 1 21 1'
#
loop_
_entity.id
_entity.type
_entity.pdbx_description
1 polymer 'Carveol dehydrogenase ((+)-trans-carveol dehydrogenase)'
2 non-polymer NICOTINAMIDE-ADENINE-DINUCLEOTIDE
3 non-polymer 'TETRAETHYLENE GLYCOL'
4 non-polymer 1,2-ETHANEDIOL
5 water water
#
_entity_poly.entity_id   1
_entity_poly.type   'polypeptide(L)'
_entity_poly.pdbx_seq_one_letter_code
;GPGSMTGRVEGKVAFVTGAARGQGRSHAVRLAQEGADIIAVDICKPIRAGVVDTAIPASTPEDLAETADLVKGHNRRIVT
AEVDVRDYDALKAAVDSGVEQLGRLDIIVANAGIGNGGDTLDKTSEEDWTEMIDINLAGVWKTVKAGVPHMIAGGRGGSI
ILTSSVGGLKAYPHTGHYVAAKHGVVGLMRAFGVELGQHMIRVNSVHPTHVKTPMLHNEGTFKMFRPDLENPGPDDMAPI
CQMFHTLPIPWVEPIDISNAVLFFASDEARYITGVTLPIDAGSCLK
;
_entity_poly.pdbx_strand_id   A,B,C,D
#
loop_
_chem_comp.id
_chem_comp.type
_chem_comp.name
_chem_comp.formula
EDO non-polymer 1,2-ETHANEDIOL 'C2 H6 O2'
NAD non-polymer NICOTINAMIDE-ADENINE-DINUCLEOTIDE 'C21 H27 N7 O14 P2'
PG4 non-polymer 'TETRAETHYLENE GLYCOL' 'C8 H18 O5'
#
# COMPACT_ATOMS: atom_id res chain seq x y z
N THR A 6 -25.98 21.54 -17.25
CA THR A 6 -25.63 20.35 -18.07
C THR A 6 -24.21 19.82 -17.73
N GLY A 7 -23.29 20.70 -17.34
CA GLY A 7 -21.90 20.27 -17.11
C GLY A 7 -21.77 19.48 -15.82
N ARG A 8 -20.72 18.67 -15.74
CA ARG A 8 -20.52 17.85 -14.58
C ARG A 8 -20.11 18.58 -13.33
N VAL A 9 -19.71 19.84 -13.45
CA VAL A 9 -19.46 20.67 -12.27
C VAL A 9 -20.21 22.01 -12.42
N GLU A 10 -21.40 21.94 -13.00
CA GLU A 10 -22.18 23.14 -13.25
C GLU A 10 -22.46 23.93 -11.97
N GLY A 11 -22.24 25.22 -12.02
CA GLY A 11 -22.50 26.10 -10.90
C GLY A 11 -21.47 26.10 -9.78
N LYS A 12 -20.42 25.32 -9.91
CA LYS A 12 -19.36 25.25 -8.90
CA LYS A 12 -19.36 25.26 -8.90
C LYS A 12 -18.26 26.28 -9.18
N VAL A 13 -17.44 26.54 -8.16
CA VAL A 13 -16.24 27.33 -8.28
C VAL A 13 -15.06 26.46 -7.86
N ALA A 14 -14.00 26.47 -8.70
CA ALA A 14 -12.77 25.74 -8.46
C ALA A 14 -11.58 26.70 -8.31
N PHE A 15 -10.80 26.48 -7.28
CA PHE A 15 -9.54 27.15 -6.99
C PHE A 15 -8.39 26.23 -7.45
N VAL A 16 -7.65 26.67 -8.48
CA VAL A 16 -6.58 25.88 -9.10
C VAL A 16 -5.26 26.66 -8.96
N THR A 17 -4.27 26.06 -8.31
CA THR A 17 -2.93 26.64 -8.31
C THR A 17 -2.08 26.08 -9.45
N GLY A 18 -1.03 26.81 -9.80
CA GLY A 18 -0.22 26.49 -10.98
C GLY A 18 -0.99 26.55 -12.27
N ALA A 19 -1.93 27.48 -12.37
CA ALA A 19 -2.87 27.54 -13.49
C ALA A 19 -2.34 28.24 -14.73
N ALA A 20 -1.10 28.71 -14.71
CA ALA A 20 -0.58 29.49 -15.88
C ALA A 20 -0.41 28.64 -17.13
N ARG A 21 -0.15 27.34 -16.96
CA ARG A 21 0.17 26.50 -18.11
C ARG A 21 0.07 25.03 -17.68
N GLY A 22 0.39 24.14 -18.60
CA GLY A 22 0.53 22.73 -18.25
C GLY A 22 -0.75 22.12 -17.70
N GLN A 23 -0.59 21.30 -16.66
CA GLN A 23 -1.73 20.61 -16.08
C GLN A 23 -2.71 21.57 -15.46
N GLY A 24 -2.19 22.61 -14.78
CA GLY A 24 -3.08 23.57 -14.10
C GLY A 24 -3.96 24.35 -15.06
N ARG A 25 -3.37 24.77 -16.19
CA ARG A 25 -4.17 25.38 -17.25
C ARG A 25 -5.23 24.40 -17.71
N SER A 26 -4.82 23.16 -17.96
CA SER A 26 -5.76 22.14 -18.42
C SER A 26 -6.91 21.92 -17.42
N HIS A 27 -6.61 21.91 -16.14
CA HIS A 27 -7.64 21.74 -15.11
C HIS A 27 -8.62 22.89 -15.16
N ALA A 28 -8.11 24.12 -15.19
CA ALA A 28 -8.98 25.29 -15.26
C ALA A 28 -9.91 25.24 -16.47
N VAL A 29 -9.36 24.91 -17.65
CA VAL A 29 -10.15 24.87 -18.86
C VAL A 29 -11.15 23.72 -18.87
N ARG A 30 -10.73 22.55 -18.42
CA ARG A 30 -11.66 21.41 -18.37
C ARG A 30 -12.80 21.63 -17.40
N LEU A 31 -12.48 22.13 -16.22
CA LEU A 31 -13.52 22.42 -15.24
C LEU A 31 -14.47 23.51 -15.77
N ALA A 32 -13.93 24.51 -16.44
CA ALA A 32 -14.76 25.56 -17.05
C ALA A 32 -15.67 25.00 -18.16
N GLN A 33 -15.13 24.11 -18.97
CA GLN A 33 -15.90 23.42 -19.99
C GLN A 33 -17.10 22.69 -19.39
N GLU A 34 -16.92 22.18 -18.19
CA GLU A 34 -17.95 21.43 -17.48
C GLU A 34 -18.74 22.27 -16.48
N GLY A 35 -18.62 23.59 -16.60
CA GLY A 35 -19.55 24.50 -15.92
C GLY A 35 -19.05 25.25 -14.69
N ALA A 36 -17.80 25.10 -14.33
CA ALA A 36 -17.25 25.78 -13.14
C ALA A 36 -16.66 27.12 -13.48
N ASP A 37 -16.84 28.10 -12.60
CA ASP A 37 -16.00 29.28 -12.61
C ASP A 37 -14.70 29.00 -11.86
N ILE A 38 -13.67 29.78 -12.14
CA ILE A 38 -12.30 29.45 -11.72
C ILE A 38 -11.59 30.59 -10.98
N ILE A 39 -10.97 30.27 -9.84
CA ILE A 39 -9.97 31.15 -9.19
C ILE A 39 -8.62 30.49 -9.57
N ALA A 40 -7.85 31.16 -10.40
CA ALA A 40 -6.62 30.65 -10.97
C ALA A 40 -5.43 31.44 -10.47
N VAL A 41 -4.52 30.74 -9.81
CA VAL A 41 -3.33 31.36 -9.25
C VAL A 41 -2.07 30.72 -9.80
N ASP A 42 -1.05 31.54 -9.97
CA ASP A 42 0.26 31.06 -10.41
C ASP A 42 1.29 32.11 -10.02
N ILE A 43 2.50 31.68 -9.75
CA ILE A 43 3.57 32.57 -9.36
C ILE A 43 3.90 33.52 -10.52
N CYS A 44 3.87 33.00 -11.74
CA CYS A 44 4.09 33.78 -12.94
C CYS A 44 5.45 34.49 -12.96
N LYS A 45 6.45 33.89 -12.35
CA LYS A 45 7.82 34.37 -12.47
C LYS A 45 8.77 33.27 -12.04
N PRO A 46 10.08 33.53 -12.18
CA PRO A 46 11.00 32.50 -11.74
C PRO A 46 10.86 32.22 -10.26
N ILE A 47 11.07 30.97 -9.91
CA ILE A 47 10.95 30.48 -8.56
C ILE A 47 11.94 31.08 -7.59
N ARG A 48 13.15 31.29 -8.08
CA ARG A 48 14.24 31.78 -7.24
C ARG A 48 14.64 33.13 -7.83
N ALA A 49 14.56 34.18 -7.03
CA ALA A 49 14.53 35.56 -7.53
C ALA A 49 15.61 35.88 -8.55
N GLY A 50 16.87 35.63 -8.20
CA GLY A 50 17.97 36.03 -9.08
C GLY A 50 18.28 35.06 -10.22
N VAL A 51 17.38 34.09 -10.48
CA VAL A 51 17.76 32.88 -11.22
C VAL A 51 16.79 32.49 -12.33
N VAL A 52 17.28 32.48 -13.57
CA VAL A 52 16.53 31.98 -14.71
C VAL A 52 17.22 30.76 -15.36
N ASP A 53 18.41 30.39 -14.88
CA ASP A 53 19.16 29.22 -15.36
C ASP A 53 18.62 27.96 -14.71
N THR A 54 17.41 27.58 -15.10
CA THR A 54 16.74 26.35 -14.66
C THR A 54 16.41 25.47 -15.85
N ALA A 55 16.40 24.16 -15.68
CA ALA A 55 16.03 23.29 -16.77
C ALA A 55 14.55 23.53 -17.18
N ILE A 56 13.69 23.67 -16.16
CA ILE A 56 12.27 23.87 -16.37
C ILE A 56 12.04 25.39 -16.47
N PRO A 57 11.52 25.85 -17.61
CA PRO A 57 11.33 27.30 -17.73
C PRO A 57 10.26 27.82 -16.76
N ALA A 58 10.43 29.06 -16.32
CA ALA A 58 9.41 29.73 -15.48
C ALA A 58 8.13 30.03 -16.27
N SER A 59 7.02 30.20 -15.57
CA SER A 59 5.81 30.70 -16.23
CA SER A 59 5.79 30.71 -16.20
C SER A 59 5.80 32.22 -16.20
N THR A 60 4.91 32.82 -16.96
CA THR A 60 4.82 34.24 -17.08
C THR A 60 3.41 34.73 -16.80
N PRO A 61 3.25 36.02 -16.54
CA PRO A 61 1.90 36.61 -16.47
C PRO A 61 1.07 36.36 -17.72
N GLU A 62 1.68 36.46 -18.89
CA GLU A 62 0.97 36.23 -20.12
C GLU A 62 0.46 34.79 -20.21
N ASP A 63 1.23 33.81 -19.72
CA ASP A 63 0.76 32.44 -19.69
C ASP A 63 -0.59 32.38 -18.93
N LEU A 64 -0.65 33.04 -17.78
CA LEU A 64 -1.89 33.03 -16.98
C LEU A 64 -3.04 33.75 -17.67
N ALA A 65 -2.72 34.84 -18.37
CA ALA A 65 -3.73 35.54 -19.15
C ALA A 65 -4.28 34.68 -20.27
N GLU A 66 -3.43 33.82 -20.86
CA GLU A 66 -3.84 32.87 -21.89
C GLU A 66 -4.80 31.84 -21.30
N THR A 67 -4.48 31.32 -20.12
CA THR A 67 -5.43 30.43 -19.44
C THR A 67 -6.79 31.11 -19.28
N ALA A 68 -6.75 32.36 -18.86
CA ALA A 68 -7.99 33.13 -18.63
C ALA A 68 -8.81 33.27 -19.89
N ASP A 69 -8.13 33.54 -21.01
CA ASP A 69 -8.82 33.61 -22.27
C ASP A 69 -9.48 32.31 -22.65
N LEU A 70 -8.81 31.18 -22.38
CA LEU A 70 -9.38 29.90 -22.71
C LEU A 70 -10.60 29.62 -21.85
N VAL A 71 -10.55 29.93 -20.57
CA VAL A 71 -11.71 29.77 -19.68
C VAL A 71 -12.90 30.65 -20.12
N LYS A 72 -12.60 31.89 -20.44
CA LYS A 72 -13.64 32.80 -20.91
C LYS A 72 -14.27 32.31 -22.20
N GLY A 73 -13.48 31.60 -23.01
CA GLY A 73 -13.98 31.02 -24.26
C GLY A 73 -15.06 29.98 -24.02
N HIS A 74 -15.11 29.42 -22.80
CA HIS A 74 -16.18 28.50 -22.42
C HIS A 74 -17.32 29.24 -21.71
N ASN A 75 -17.34 30.56 -21.80
CA ASN A 75 -18.38 31.40 -21.21
CA ASN A 75 -18.41 31.39 -21.22
C ASN A 75 -18.46 31.27 -19.71
N ARG A 76 -17.29 31.10 -19.07
CA ARG A 76 -17.22 31.06 -17.62
C ARG A 76 -16.40 32.21 -17.11
N ARG A 77 -16.53 32.50 -15.83
CA ARG A 77 -15.79 33.56 -15.19
C ARG A 77 -14.51 33.03 -14.59
N ILE A 78 -13.53 33.91 -14.50
CA ILE A 78 -12.26 33.57 -13.94
C ILE A 78 -11.67 34.75 -13.25
N VAL A 79 -11.13 34.51 -12.05
CA VAL A 79 -10.34 35.49 -11.28
C VAL A 79 -8.92 34.98 -11.31
N THR A 80 -7.98 35.78 -11.76
CA THR A 80 -6.57 35.36 -11.76
C THR A 80 -5.80 36.18 -10.73
N ALA A 81 -4.78 35.55 -10.17
CA ALA A 81 -3.87 36.20 -9.27
C ALA A 81 -2.48 35.66 -9.47
N GLU A 82 -1.52 36.58 -9.50
CA GLU A 82 -0.12 36.25 -9.55
C GLU A 82 0.42 36.23 -8.13
N VAL A 83 0.56 35.05 -7.59
CA VAL A 83 0.93 34.88 -6.19
C VAL A 83 1.68 33.56 -6.01
N ASP A 84 2.66 33.60 -5.16
CA ASP A 84 3.47 32.42 -4.78
C ASP A 84 2.75 31.68 -3.65
N VAL A 85 2.50 30.38 -3.84
CA VAL A 85 1.84 29.57 -2.79
C VAL A 85 2.64 29.52 -1.50
N ARG A 86 3.91 29.88 -1.53
CA ARG A 86 4.69 29.99 -0.29
C ARG A 86 4.30 31.18 0.59
N ASP A 87 3.73 32.20 -0.03
CA ASP A 87 3.37 33.40 0.68
CA ASP A 87 3.36 33.40 0.66
C ASP A 87 1.92 33.25 1.12
N TYR A 88 1.74 32.69 2.31
CA TYR A 88 0.40 32.35 2.77
C TYR A 88 -0.53 33.58 2.84
N ASP A 89 -0.04 34.67 3.39
CA ASP A 89 -0.94 35.84 3.56
C ASP A 89 -1.39 36.36 2.20
N ALA A 90 -0.47 36.42 1.24
CA ALA A 90 -0.84 36.87 -0.11
C ALA A 90 -1.77 35.88 -0.80
N LEU A 91 -1.53 34.57 -0.59
CA LEU A 91 -2.39 33.56 -1.18
C LEU A 91 -3.80 33.64 -0.61
N LYS A 92 -3.90 33.75 0.71
CA LYS A 92 -5.18 33.86 1.38
C LYS A 92 -5.95 35.11 0.95
N ALA A 93 -5.24 36.21 0.77
CA ALA A 93 -5.90 37.45 0.32
C ALA A 93 -6.45 37.23 -1.09
N ALA A 94 -5.68 36.56 -1.94
CA ALA A 94 -6.12 36.29 -3.33
C ALA A 94 -7.34 35.37 -3.37
N VAL A 95 -7.34 34.33 -2.56
CA VAL A 95 -8.47 33.42 -2.52
C VAL A 95 -9.69 34.13 -1.92
N ASP A 96 -9.48 34.88 -0.86
CA ASP A 96 -10.58 35.62 -0.23
C ASP A 96 -11.27 36.51 -1.29
N SER A 97 -10.47 37.20 -2.09
CA SER A 97 -11.01 38.13 -3.09
C SER A 97 -11.71 37.34 -4.20
N GLY A 98 -11.13 36.20 -4.59
CA GLY A 98 -11.76 35.33 -5.58
C GLY A 98 -13.12 34.85 -5.16
N VAL A 99 -13.25 34.41 -3.89
CA VAL A 99 -14.52 33.92 -3.41
C VAL A 99 -15.53 35.05 -3.28
N GLU A 100 -15.09 36.25 -2.91
CA GLU A 100 -15.97 37.42 -2.99
C GLU A 100 -16.55 37.58 -4.38
N GLN A 101 -15.68 37.50 -5.37
CA GLN A 101 -16.12 37.75 -6.74
C GLN A 101 -17.00 36.65 -7.31
N LEU A 102 -16.72 35.40 -6.98
CA LEU A 102 -17.40 34.27 -7.61
C LEU A 102 -18.50 33.65 -6.79
N GLY A 103 -18.54 33.93 -5.48
CA GLY A 103 -19.65 33.58 -4.64
C GLY A 103 -19.60 32.34 -3.77
N ARG A 104 -18.61 31.52 -3.99
CA ARG A 104 -18.49 30.21 -3.30
C ARG A 104 -17.15 29.59 -3.65
N LEU A 105 -16.82 28.47 -2.99
CA LEU A 105 -15.66 27.67 -3.33
C LEU A 105 -15.98 26.21 -3.06
N ASP A 106 -16.01 25.39 -4.12
CA ASP A 106 -16.42 24.00 -4.02
C ASP A 106 -15.31 22.98 -4.26
N ILE A 107 -14.28 23.40 -5.00
CA ILE A 107 -13.24 22.51 -5.50
C ILE A 107 -11.89 23.18 -5.30
N ILE A 108 -10.93 22.46 -4.78
CA ILE A 108 -9.53 22.97 -4.69
C ILE A 108 -8.67 21.97 -5.44
N VAL A 109 -7.80 22.46 -6.32
CA VAL A 109 -6.88 21.64 -7.05
C VAL A 109 -5.46 22.20 -6.80
N ALA A 110 -4.74 21.55 -5.92
CA ALA A 110 -3.42 21.98 -5.46
C ALA A 110 -2.35 21.37 -6.35
N ASN A 111 -2.17 22.05 -7.49
CA ASN A 111 -1.37 21.57 -8.61
C ASN A 111 -0.01 22.21 -8.77
N ALA A 112 0.16 23.42 -8.28
CA ALA A 112 1.44 24.14 -8.42
C ALA A 112 2.58 23.25 -7.91
N GLY A 113 3.65 23.19 -8.66
CA GLY A 113 4.82 22.44 -8.24
C GLY A 113 6.00 22.73 -9.13
N ILE A 114 7.16 22.30 -8.65
CA ILE A 114 8.45 22.51 -9.33
C ILE A 114 9.28 21.24 -9.41
N GLY A 115 10.30 21.31 -10.27
CA GLY A 115 11.50 20.46 -10.18
C GLY A 115 12.70 21.33 -9.93
N ASN A 116 13.69 20.77 -9.25
CA ASN A 116 14.99 21.44 -9.12
C ASN A 116 16.02 20.38 -8.84
N GLY A 117 17.28 20.78 -8.72
CA GLY A 117 18.28 19.82 -8.27
C GLY A 117 18.55 18.75 -9.29
N GLY A 118 18.76 17.53 -8.82
CA GLY A 118 19.12 16.41 -9.67
C GLY A 118 20.32 15.63 -9.19
N ASP A 119 20.88 16.01 -8.03
CA ASP A 119 21.94 15.24 -7.40
C ASP A 119 21.32 14.06 -6.68
N THR A 120 22.15 13.09 -6.30
CA THR A 120 21.67 12.10 -5.33
C THR A 120 21.27 12.77 -4.02
N LEU A 121 20.43 12.09 -3.25
CA LEU A 121 19.85 12.75 -2.10
C LEU A 121 20.88 13.08 -1.02
N ASP A 122 21.95 12.27 -0.93
CA ASP A 122 23.05 12.54 -0.04
C ASP A 122 23.92 13.71 -0.46
N LYS A 123 23.74 14.18 -1.69
CA LYS A 123 24.52 15.28 -2.23
C LYS A 123 23.64 16.49 -2.59
N THR A 124 22.38 16.45 -2.21
CA THR A 124 21.43 17.50 -2.51
C THR A 124 21.68 18.68 -1.58
N SER A 125 21.70 19.90 -2.13
CA SER A 125 21.92 21.07 -1.32
C SER A 125 20.72 21.38 -0.46
N GLU A 126 20.98 21.99 0.67
CA GLU A 126 19.88 22.44 1.51
C GLU A 126 19.00 23.50 0.82
N GLU A 127 19.60 24.31 -0.06
CA GLU A 127 18.86 25.28 -0.82
CA GLU A 127 18.85 25.28 -0.84
C GLU A 127 17.83 24.59 -1.73
N ASP A 128 18.27 23.58 -2.46
CA ASP A 128 17.39 22.86 -3.37
C ASP A 128 16.31 22.06 -2.59
N TRP A 129 16.74 21.39 -1.55
CA TRP A 129 15.82 20.68 -0.65
C TRP A 129 14.72 21.61 -0.14
N THR A 130 15.13 22.77 0.40
CA THR A 130 14.21 23.64 1.11
C THR A 130 13.19 24.25 0.16
N GLU A 131 13.64 24.65 -1.02
CA GLU A 131 12.76 25.19 -2.03
C GLU A 131 11.73 24.13 -2.47
N MET A 132 12.21 22.91 -2.64
CA MET A 132 11.35 21.83 -3.02
C MET A 132 10.26 21.55 -1.97
N ILE A 133 10.65 21.41 -0.71
CA ILE A 133 9.68 21.15 0.34
C ILE A 133 8.75 22.34 0.47
N ASP A 134 9.30 23.55 0.40
CA ASP A 134 8.49 24.76 0.57
C ASP A 134 7.38 24.86 -0.46
N ILE A 135 7.65 24.49 -1.71
CA ILE A 135 6.61 24.59 -2.75
C ILE A 135 5.76 23.32 -2.86
N ASN A 136 6.42 22.18 -3.01
CA ASN A 136 5.71 20.95 -3.37
C ASN A 136 5.04 20.25 -2.17
N LEU A 137 5.41 20.60 -0.95
CA LEU A 137 4.76 20.05 0.25
C LEU A 137 4.06 21.19 1.00
N ALA A 138 4.82 22.13 1.54
CA ALA A 138 4.22 23.25 2.32
C ALA A 138 3.30 24.15 1.49
N GLY A 139 3.60 24.31 0.21
CA GLY A 139 2.72 25.07 -0.67
C GLY A 139 1.38 24.42 -0.90
N VAL A 140 1.34 23.07 -0.91
CA VAL A 140 0.12 22.37 -1.05
C VAL A 140 -0.70 22.52 0.26
N TRP A 141 -0.05 22.37 1.40
CA TRP A 141 -0.70 22.64 2.68
C TRP A 141 -1.29 24.05 2.74
N LYS A 142 -0.51 25.05 2.36
CA LYS A 142 -0.99 26.43 2.36
C LYS A 142 -2.19 26.66 1.43
N THR A 143 -2.18 25.99 0.29
CA THR A 143 -3.26 26.08 -0.68
C THR A 143 -4.57 25.59 -0.08
N VAL A 144 -4.54 24.41 0.54
CA VAL A 144 -5.74 23.90 1.18
C VAL A 144 -6.16 24.78 2.36
N LYS A 145 -5.19 25.19 3.18
CA LYS A 145 -5.48 26.02 4.32
C LYS A 145 -6.17 27.32 3.89
N ALA A 146 -5.71 27.91 2.80
CA ALA A 146 -6.30 29.19 2.32
C ALA A 146 -7.73 28.98 1.81
N GLY A 147 -7.97 27.90 1.09
CA GLY A 147 -9.25 27.69 0.43
C GLY A 147 -10.32 27.06 1.29
N VAL A 148 -9.93 26.14 2.15
CA VAL A 148 -10.93 25.32 2.81
C VAL A 148 -11.91 26.06 3.75
N PRO A 149 -11.49 27.18 4.39
CA PRO A 149 -12.56 27.85 5.19
C PRO A 149 -13.75 28.28 4.37
N HIS A 150 -13.51 28.65 3.12
CA HIS A 150 -14.60 29.05 2.23
C HIS A 150 -15.49 27.89 1.86
N MET A 151 -14.89 26.71 1.72
CA MET A 151 -15.65 25.51 1.41
C MET A 151 -16.49 25.05 2.61
N ILE A 152 -15.88 25.06 3.78
CA ILE A 152 -16.58 24.72 5.02
C ILE A 152 -17.75 25.67 5.26
N ALA A 153 -17.47 26.94 5.11
CA ALA A 153 -18.50 27.94 5.39
C ALA A 153 -19.67 27.90 4.44
N GLY A 154 -19.46 27.43 3.22
CA GLY A 154 -20.55 27.26 2.28
C GLY A 154 -21.59 26.27 2.69
N GLY A 155 -21.17 25.26 3.47
CA GLY A 155 -22.11 24.25 3.94
C GLY A 155 -22.66 23.30 2.90
N ARG A 156 -21.96 23.18 1.78
CA ARG A 156 -22.42 22.35 0.67
CA ARG A 156 -22.43 22.34 0.69
C ARG A 156 -21.49 21.16 0.43
N GLY A 157 -20.51 20.98 1.28
CA GLY A 157 -19.48 19.97 1.02
C GLY A 157 -18.59 20.44 -0.09
N GLY A 158 -17.72 19.55 -0.59
CA GLY A 158 -16.78 19.96 -1.60
C GLY A 158 -15.75 18.87 -1.85
N SER A 159 -14.79 19.20 -2.72
CA SER A 159 -13.81 18.23 -3.21
C SER A 159 -12.46 18.87 -3.35
N ILE A 160 -11.45 18.25 -2.77
CA ILE A 160 -10.07 18.73 -2.77
C ILE A 160 -9.20 17.68 -3.42
N ILE A 161 -8.45 18.09 -4.43
CA ILE A 161 -7.56 17.21 -5.17
C ILE A 161 -6.16 17.73 -5.02
N LEU A 162 -5.25 16.93 -4.50
CA LEU A 162 -3.84 17.29 -4.39
C LEU A 162 -3.07 16.62 -5.46
N THR A 163 -2.19 17.35 -6.15
CA THR A 163 -1.31 16.70 -7.14
C THR A 163 -0.06 16.19 -6.49
N SER A 164 0.06 14.86 -6.45
CA SER A 164 1.29 14.22 -6.03
C SER A 164 2.04 13.83 -7.30
N SER A 165 2.40 12.57 -7.45
CA SER A 165 3.17 12.07 -8.56
C SER A 165 3.28 10.57 -8.38
N VAL A 166 3.65 9.86 -9.42
CA VAL A 166 4.19 8.51 -9.22
C VAL A 166 5.32 8.56 -8.16
N GLY A 167 6.06 9.65 -8.15
CA GLY A 167 7.09 9.90 -7.15
C GLY A 167 6.59 10.03 -5.73
N GLY A 168 5.29 10.17 -5.53
CA GLY A 168 4.72 10.11 -4.19
C GLY A 168 4.37 8.70 -3.74
N LEU A 169 4.65 7.72 -4.59
CA LEU A 169 4.39 6.29 -4.34
C LEU A 169 5.61 5.39 -4.49
N LYS A 170 6.56 5.81 -5.31
CA LYS A 170 7.80 5.11 -5.50
C LYS A 170 8.90 6.09 -5.87
N ALA A 171 10.13 5.67 -5.64
CA ALA A 171 11.25 6.56 -5.81
C ALA A 171 12.00 6.25 -7.11
N TYR A 172 12.81 7.19 -7.53
CA TYR A 172 13.72 7.01 -8.68
C TYR A 172 14.98 7.82 -8.41
N PRO A 173 16.17 7.27 -8.75
CA PRO A 173 17.38 7.99 -8.49
C PRO A 173 17.36 9.43 -9.03
N HIS A 174 17.98 10.32 -8.26
CA HIS A 174 18.16 11.74 -8.60
C HIS A 174 16.92 12.56 -8.50
N THR A 175 15.91 12.03 -7.84
CA THR A 175 14.65 12.78 -7.61
C THR A 175 14.23 12.75 -6.12
N GLY A 176 15.16 12.44 -5.23
CA GLY A 176 14.78 12.06 -3.86
C GLY A 176 14.11 13.15 -3.04
N HIS A 177 14.49 14.42 -3.25
CA HIS A 177 13.83 15.51 -2.50
C HIS A 177 12.40 15.72 -2.97
N TYR A 178 12.19 15.60 -4.28
CA TYR A 178 10.88 15.65 -4.88
C TYR A 178 10.04 14.49 -4.39
N VAL A 179 10.65 13.31 -4.31
CA VAL A 179 9.94 12.12 -3.80
C VAL A 179 9.52 12.31 -2.34
N ALA A 180 10.39 12.87 -1.52
CA ALA A 180 10.01 13.14 -0.14
C ALA A 180 8.83 14.07 -0.08
N ALA A 181 8.86 15.19 -0.85
CA ALA A 181 7.76 16.11 -0.85
C ALA A 181 6.47 15.41 -1.33
N LYS A 182 6.57 14.67 -2.41
CA LYS A 182 5.37 14.08 -3.01
C LYS A 182 4.76 12.98 -2.15
N HIS A 183 5.60 12.26 -1.39
CA HIS A 183 5.10 11.36 -0.37
C HIS A 183 4.43 12.14 0.74
N GLY A 184 5.01 13.28 1.13
CA GLY A 184 4.37 14.14 2.15
C GLY A 184 2.96 14.58 1.71
N VAL A 185 2.79 14.80 0.41
CA VAL A 185 1.49 15.18 -0.13
C VAL A 185 0.45 14.09 0.11
N VAL A 186 0.85 12.81 0.04
CA VAL A 186 -0.08 11.69 0.36
C VAL A 186 -0.51 11.82 1.84
N GLY A 187 0.43 12.16 2.71
CA GLY A 187 0.10 12.39 4.12
C GLY A 187 -0.88 13.54 4.28
N LEU A 188 -0.67 14.64 3.57
CA LEU A 188 -1.62 15.76 3.62
C LEU A 188 -3.00 15.31 3.18
N MET A 189 -3.05 14.50 2.12
CA MET A 189 -4.34 14.02 1.59
C MET A 189 -5.05 13.23 2.64
N ARG A 190 -4.34 12.33 3.30
CA ARG A 190 -4.98 11.48 4.32
C ARG A 190 -5.39 12.28 5.54
N ALA A 191 -4.53 13.19 5.96
CA ALA A 191 -4.80 14.02 7.11
C ALA A 191 -5.99 14.98 6.89
N PHE A 192 -6.02 15.67 5.77
CA PHE A 192 -7.16 16.48 5.46
C PHE A 192 -8.41 15.61 5.28
N GLY A 193 -8.27 14.43 4.67
CA GLY A 193 -9.39 13.54 4.48
C GLY A 193 -10.07 13.16 5.77
N VAL A 194 -9.28 12.78 6.77
CA VAL A 194 -9.88 12.36 8.04
C VAL A 194 -10.49 13.52 8.79
N GLU A 195 -9.95 14.72 8.60
CA GLU A 195 -10.47 15.91 9.33
C GLU A 195 -11.66 16.55 8.67
N LEU A 196 -11.72 16.51 7.34
CA LEU A 196 -12.72 17.27 6.60
C LEU A 196 -13.93 16.45 6.20
N GLY A 197 -13.87 15.12 6.36
CA GLY A 197 -15.02 14.25 6.02
C GLY A 197 -16.29 14.64 6.75
N GLN A 198 -16.14 15.10 7.98
CA GLN A 198 -17.29 15.55 8.77
C GLN A 198 -18.11 16.67 8.11
N HIS A 199 -17.49 17.42 7.22
CA HIS A 199 -18.13 18.49 6.47
C HIS A 199 -18.59 18.03 5.09
N MET A 200 -18.57 16.74 4.83
CA MET A 200 -18.80 16.19 3.50
C MET A 200 -17.83 16.80 2.49
N ILE A 201 -16.59 16.99 2.92
CA ILE A 201 -15.52 17.36 2.03
C ILE A 201 -14.64 16.16 1.77
N ARG A 202 -14.47 15.85 0.49
CA ARG A 202 -13.64 14.71 0.06
C ARG A 202 -12.24 15.25 -0.24
N VAL A 203 -11.23 14.43 0.05
CA VAL A 203 -9.85 14.78 -0.26
C VAL A 203 -9.19 13.55 -0.91
N ASN A 204 -8.59 13.76 -2.08
CA ASN A 204 -7.95 12.68 -2.86
C ASN A 204 -6.72 13.24 -3.54
N SER A 205 -5.85 12.36 -3.99
CA SER A 205 -4.64 12.78 -4.67
C SER A 205 -4.56 12.09 -6.00
N VAL A 206 -3.98 12.82 -6.98
CA VAL A 206 -3.68 12.30 -8.30
C VAL A 206 -2.16 12.13 -8.43
N HIS A 207 -1.75 11.06 -9.09
CA HIS A 207 -0.36 10.66 -9.20
C HIS A 207 0.02 10.43 -10.65
N PRO A 208 0.36 11.49 -11.35
CA PRO A 208 0.72 11.33 -12.76
C PRO A 208 2.04 10.62 -12.94
N THR A 209 2.14 9.84 -14.03
CA THR A 209 3.43 9.52 -14.63
C THR A 209 3.87 10.77 -15.42
N HIS A 210 4.89 10.61 -16.23
CA HIS A 210 5.30 11.68 -17.12
C HIS A 210 4.13 12.30 -17.84
N VAL A 211 4.08 13.62 -17.84
CA VAL A 211 2.98 14.39 -18.50
C VAL A 211 3.62 15.36 -19.47
N LYS A 212 3.07 15.45 -20.67
CA LYS A 212 3.60 16.40 -21.70
C LYS A 212 3.27 17.87 -21.33
N THR A 213 4.17 18.46 -20.57
CA THR A 213 4.14 19.87 -20.19
C THR A 213 5.57 20.33 -20.22
N PRO A 214 5.80 21.65 -20.07
CA PRO A 214 7.19 22.10 -20.04
C PRO A 214 8.05 21.62 -18.89
N MET A 215 7.45 21.04 -17.86
CA MET A 215 8.21 20.40 -16.82
C MET A 215 8.94 19.15 -17.31
N LEU A 216 8.36 18.45 -18.26
CA LEU A 216 8.96 17.28 -18.90
C LEU A 216 9.70 17.65 -20.20
N HIS A 217 9.07 18.45 -21.03
CA HIS A 217 9.56 18.74 -22.39
C HIS A 217 10.37 20.01 -22.33
N ASN A 218 11.66 19.88 -22.01
CA ASN A 218 12.57 21.00 -22.06
C ASN A 218 13.92 20.48 -22.45
N GLU A 219 14.77 21.39 -22.94
CA GLU A 219 16.07 21.03 -23.53
C GLU A 219 16.91 20.21 -22.56
N GLY A 220 16.98 20.69 -21.31
CA GLY A 220 17.75 20.05 -20.29
C GLY A 220 17.36 18.62 -20.04
N THR A 221 16.06 18.38 -20.04
CA THR A 221 15.54 17.07 -19.78
C THR A 221 15.76 16.15 -20.98
N PHE A 222 15.55 16.65 -22.19
CA PHE A 222 15.83 15.87 -23.41
C PHE A 222 17.26 15.36 -23.38
N LYS A 223 18.21 16.26 -23.07
CA LYS A 223 19.63 15.90 -23.05
C LYS A 223 19.97 14.91 -21.95
N MET A 224 19.29 15.04 -20.80
CA MET A 224 19.48 14.10 -19.70
C MET A 224 18.98 12.68 -20.01
N PHE A 225 17.85 12.58 -20.69
CA PHE A 225 17.26 11.28 -21.03
C PHE A 225 18.04 10.63 -22.20
N ARG A 226 18.67 11.46 -23.06
CA ARG A 226 19.36 10.97 -24.29
C ARG A 226 20.72 11.62 -24.43
N PRO A 227 21.63 11.29 -23.48
CA PRO A 227 22.99 11.85 -23.53
C PRO A 227 23.77 11.39 -24.75
N ASP A 228 23.30 10.32 -25.41
CA ASP A 228 23.93 9.82 -26.63
C ASP A 228 23.70 10.70 -27.88
N LEU A 229 22.75 11.63 -27.81
CA LEU A 229 22.42 12.50 -28.93
C LEU A 229 22.90 13.94 -28.71
N GLU A 230 23.16 14.65 -29.81
CA GLU A 230 23.65 16.03 -29.73
C GLU A 230 22.52 17.03 -29.50
N ASN A 231 21.40 16.85 -30.21
CA ASN A 231 20.24 17.73 -30.05
C ASN A 231 18.94 16.92 -29.96
N PRO A 232 18.76 16.17 -28.88
CA PRO A 232 17.56 15.33 -28.77
C PRO A 232 16.30 16.17 -28.57
N GLY A 233 15.18 15.66 -29.09
CA GLY A 233 13.88 16.27 -28.91
C GLY A 233 12.97 15.29 -28.24
N PRO A 234 11.69 15.65 -28.19
CA PRO A 234 10.70 14.75 -27.59
C PRO A 234 10.63 13.34 -28.21
N ASP A 235 10.76 13.21 -29.52
CA ASP A 235 10.69 11.90 -30.17
C ASP A 235 11.81 10.98 -29.68
N ASP A 236 12.93 11.57 -29.28
CA ASP A 236 14.08 10.83 -28.80
C ASP A 236 13.95 10.39 -27.35
N MET A 237 13.25 11.22 -26.58
CA MET A 237 12.98 10.92 -25.17
C MET A 237 11.85 9.91 -25.02
N ALA A 238 10.94 9.88 -26.00
CA ALA A 238 9.74 9.04 -25.90
C ALA A 238 10.05 7.59 -25.54
N PRO A 239 10.98 6.92 -26.25
CA PRO A 239 11.18 5.49 -25.91
C PRO A 239 11.74 5.23 -24.53
N ILE A 240 12.46 6.20 -23.97
CA ILE A 240 13.01 6.05 -22.63
C ILE A 240 11.87 6.17 -21.61
N CYS A 241 11.04 7.19 -21.78
CA CYS A 241 9.86 7.36 -20.87
C CYS A 241 8.92 6.15 -20.96
N GLN A 242 8.79 5.61 -22.16
CA GLN A 242 7.87 4.50 -22.36
C GLN A 242 8.25 3.24 -21.60
N MET A 243 9.55 3.05 -21.33
CA MET A 243 10.02 1.89 -20.63
C MET A 243 9.44 1.80 -19.19
N PHE A 244 9.01 2.93 -18.67
CA PHE A 244 8.46 3.04 -17.29
C PHE A 244 7.00 2.56 -17.22
N HIS A 245 6.38 2.30 -18.38
CA HIS A 245 4.92 2.07 -18.46
C HIS A 245 4.53 0.68 -18.86
N THR A 246 3.34 0.27 -18.46
CA THR A 246 2.77 -0.97 -18.88
CA THR A 246 2.77 -0.99 -18.93
C THR A 246 2.01 -0.81 -20.22
N LEU A 247 1.32 0.33 -20.38
CA LEU A 247 0.75 0.67 -21.65
C LEU A 247 1.87 1.27 -22.54
N PRO A 248 1.89 0.93 -23.81
CA PRO A 248 3.00 1.34 -24.68
C PRO A 248 2.81 2.78 -25.20
N ILE A 249 2.91 3.71 -24.25
CA ILE A 249 2.91 5.15 -24.53
C ILE A 249 4.05 5.82 -23.77
N PRO A 250 4.53 6.96 -24.27
CA PRO A 250 5.66 7.61 -23.60
C PRO A 250 5.28 8.52 -22.43
N TRP A 251 4.07 9.09 -22.45
CA TRP A 251 3.63 10.06 -21.42
C TRP A 251 2.17 10.23 -21.60
N VAL A 252 1.52 10.74 -20.57
CA VAL A 252 0.12 11.11 -20.67
C VAL A 252 0.04 12.59 -20.99
N GLU A 253 -1.14 13.05 -21.32
CA GLU A 253 -1.37 14.45 -21.65
CA GLU A 253 -1.36 14.46 -21.64
C GLU A 253 -2.01 15.17 -20.47
N PRO A 254 -1.91 16.50 -20.42
CA PRO A 254 -2.61 17.23 -19.35
C PRO A 254 -4.08 16.87 -19.24
N ILE A 255 -4.76 16.65 -20.36
CA ILE A 255 -6.17 16.33 -20.34
C ILE A 255 -6.44 15.02 -19.56
N ASP A 256 -5.51 14.08 -19.62
CA ASP A 256 -5.69 12.87 -18.86
C ASP A 256 -5.75 13.16 -17.35
N ILE A 257 -4.89 14.05 -16.87
CA ILE A 257 -4.93 14.38 -15.45
C ILE A 257 -6.19 15.20 -15.17
N SER A 258 -6.54 16.13 -16.07
CA SER A 258 -7.75 16.92 -15.87
C SER A 258 -9.02 16.08 -15.81
N ASN A 259 -9.09 15.01 -16.60
CA ASN A 259 -10.27 14.17 -16.58
C ASN A 259 -10.41 13.46 -15.24
N ALA A 260 -9.28 13.11 -14.63
CA ALA A 260 -9.32 12.50 -13.27
C ALA A 260 -9.70 13.54 -12.23
N VAL A 261 -9.17 14.73 -12.36
CA VAL A 261 -9.55 15.85 -11.47
C VAL A 261 -11.05 16.11 -11.57
N LEU A 262 -11.55 16.16 -12.79
CA LEU A 262 -12.98 16.40 -13.05
C LEU A 262 -13.83 15.31 -12.38
N PHE A 263 -13.43 14.06 -12.53
CA PHE A 263 -14.16 12.95 -11.90
C PHE A 263 -14.23 13.20 -10.40
N PHE A 264 -13.10 13.45 -9.75
CA PHE A 264 -13.07 13.62 -8.31
C PHE A 264 -13.87 14.89 -7.87
N ALA A 265 -13.83 15.92 -8.70
CA ALA A 265 -14.54 17.18 -8.41
C ALA A 265 -16.05 17.06 -8.52
N SER A 266 -16.51 16.15 -9.37
CA SER A 266 -17.91 16.00 -9.69
C SER A 266 -18.71 15.21 -8.65
N ASP A 267 -20.02 15.35 -8.70
CA ASP A 267 -20.90 14.52 -7.87
C ASP A 267 -20.83 13.04 -8.18
N GLU A 268 -20.28 12.68 -9.32
CA GLU A 268 -20.11 11.28 -9.64
C GLU A 268 -19.10 10.61 -8.70
N ALA A 269 -18.30 11.40 -8.00
CA ALA A 269 -17.34 10.91 -7.02
C ALA A 269 -17.67 11.37 -5.62
N ARG A 270 -18.95 11.61 -5.36
CA ARG A 270 -19.44 12.20 -4.11
C ARG A 270 -19.00 11.46 -2.85
N TYR A 271 -18.79 10.14 -2.92
CA TYR A 271 -18.43 9.38 -1.73
C TYR A 271 -17.03 8.79 -1.79
N ILE A 272 -16.23 9.31 -2.70
CA ILE A 272 -14.83 8.86 -2.88
C ILE A 272 -13.92 9.86 -2.17
N THR A 273 -13.28 9.37 -1.10
CA THR A 273 -12.37 10.19 -0.33
C THR A 273 -11.21 9.33 0.19
N GLY A 274 -10.03 9.94 0.34
CA GLY A 274 -8.86 9.24 0.85
C GLY A 274 -8.06 8.43 -0.14
N VAL A 275 -8.31 8.59 -1.45
CA VAL A 275 -7.72 7.77 -2.47
C VAL A 275 -6.47 8.40 -3.10
N THR A 276 -5.49 7.54 -3.35
CA THR A 276 -4.32 7.88 -4.16
C THR A 276 -4.58 7.30 -5.55
N LEU A 277 -4.84 8.16 -6.54
CA LEU A 277 -5.20 7.70 -7.89
C LEU A 277 -4.05 7.92 -8.88
N PRO A 278 -3.36 6.86 -9.27
CA PRO A 278 -2.35 7.03 -10.35
C PRO A 278 -3.03 7.22 -11.69
N ILE A 279 -2.53 8.16 -12.48
CA ILE A 279 -2.83 8.25 -13.92
C ILE A 279 -1.44 8.06 -14.55
N ASP A 280 -1.07 6.79 -14.71
CA ASP A 280 0.32 6.47 -14.81
C ASP A 280 0.68 5.44 -15.83
N ALA A 281 -0.28 5.08 -16.69
CA ALA A 281 -0.05 4.16 -17.74
C ALA A 281 0.54 2.81 -17.20
N GLY A 282 0.25 2.52 -15.94
CA GLY A 282 0.69 1.30 -15.32
C GLY A 282 2.11 1.32 -14.73
N SER A 283 2.68 2.50 -14.56
CA SER A 283 4.02 2.62 -13.92
CA SER A 283 3.99 2.67 -13.90
C SER A 283 4.07 1.90 -12.56
N CYS A 284 3.02 2.02 -11.76
CA CYS A 284 3.03 1.45 -10.40
C CYS A 284 2.77 -0.06 -10.39
N LEU A 285 2.55 -0.68 -11.54
CA LEU A 285 2.48 -2.12 -11.60
C LEU A 285 3.88 -2.71 -11.72
N LYS A 286 4.88 -1.88 -12.01
CA LYS A 286 6.23 -2.38 -12.23
C LYS A 286 6.99 -2.41 -10.92
N THR B 6 28.98 -14.26 19.99
CA THR B 6 29.06 -12.92 19.36
C THR B 6 27.69 -12.24 19.41
N GLY B 7 27.69 -10.93 19.61
CA GLY B 7 26.47 -10.15 19.51
C GLY B 7 26.03 -10.04 18.05
N ARG B 8 24.75 -9.77 17.85
CA ARG B 8 24.22 -9.66 16.51
C ARG B 8 24.67 -8.46 15.69
N VAL B 9 25.29 -7.45 16.34
CA VAL B 9 25.94 -6.36 15.62
C VAL B 9 27.39 -6.17 16.08
N GLU B 10 28.05 -7.31 16.37
CA GLU B 10 29.37 -7.28 16.93
C GLU B 10 30.33 -6.55 15.99
N GLY B 11 31.10 -5.64 16.54
CA GLY B 11 32.13 -4.93 15.79
C GLY B 11 31.63 -3.73 14.96
N LYS B 12 30.34 -3.48 14.98
CA LYS B 12 29.76 -2.39 14.19
CA LYS B 12 29.75 -2.40 14.18
C LYS B 12 29.70 -1.11 14.99
N VAL B 13 29.47 -0.01 14.28
CA VAL B 13 29.23 1.28 14.88
C VAL B 13 27.91 1.84 14.40
N ALA B 14 27.08 2.31 15.33
CA ALA B 14 25.77 2.83 15.03
C ALA B 14 25.70 4.31 15.43
N PHE B 15 25.15 5.11 14.55
CA PHE B 15 24.85 6.55 14.77
C PHE B 15 23.36 6.66 15.04
N VAL B 16 22.99 7.09 16.25
CA VAL B 16 21.59 7.18 16.69
C VAL B 16 21.27 8.60 17.10
N THR B 17 20.28 9.19 16.47
CA THR B 17 19.80 10.52 16.85
C THR B 17 18.63 10.39 17.84
N GLY B 18 18.41 11.44 18.63
CA GLY B 18 17.44 11.41 19.69
C GLY B 18 17.78 10.41 20.78
N ALA B 19 19.06 10.24 21.06
CA ALA B 19 19.54 9.22 21.96
C ALA B 19 19.49 9.54 23.46
N ALA B 20 19.00 10.73 23.81
CA ALA B 20 19.03 11.15 25.23
C ALA B 20 18.06 10.34 26.09
N ARG B 21 17.00 9.81 25.48
CA ARG B 21 15.95 9.13 26.26
C ARG B 21 15.05 8.33 25.33
N GLY B 22 14.04 7.66 25.90
CA GLY B 22 13.00 7.08 25.07
C GLY B 22 13.52 6.03 24.12
N GLN B 23 12.99 6.04 22.90
CA GLN B 23 13.39 5.01 21.93
C GLN B 23 14.85 5.11 21.57
N GLY B 24 15.36 6.33 21.38
CA GLY B 24 16.75 6.49 21.00
C GLY B 24 17.74 5.97 22.03
N ARG B 25 17.46 6.25 23.31
CA ARG B 25 18.24 5.63 24.36
C ARG B 25 18.19 4.09 24.23
N SER B 26 16.98 3.57 24.12
CA SER B 26 16.78 2.14 24.02
C SER B 26 17.58 1.57 22.86
N HIS B 27 17.59 2.23 21.71
CA HIS B 27 18.35 1.74 20.54
C HIS B 27 19.82 1.70 20.82
N ALA B 28 20.34 2.77 21.42
CA ALA B 28 21.74 2.83 21.79
C ALA B 28 22.14 1.69 22.70
N VAL B 29 21.31 1.46 23.72
CA VAL B 29 21.60 0.44 24.71
C VAL B 29 21.47 -0.96 24.10
N ARG B 30 20.42 -1.22 23.33
CA ARG B 30 20.23 -2.54 22.74
C ARG B 30 21.32 -2.88 21.74
N LEU B 31 21.66 -1.92 20.90
CA LEU B 31 22.73 -2.13 19.95
C LEU B 31 24.08 -2.37 20.64
N ALA B 32 24.32 -1.64 21.73
CA ALA B 32 25.52 -1.84 22.52
C ALA B 32 25.56 -3.27 23.15
N GLN B 33 24.43 -3.68 23.69
CA GLN B 33 24.28 -5.01 24.25
C GLN B 33 24.66 -6.06 23.24
N GLU B 34 24.36 -5.80 21.97
CA GLU B 34 24.61 -6.74 20.90
C GLU B 34 25.90 -6.45 20.15
N GLY B 35 26.75 -5.62 20.75
CA GLY B 35 28.15 -5.51 20.33
C GLY B 35 28.58 -4.28 19.56
N ALA B 36 27.69 -3.33 19.36
CA ALA B 36 28.03 -2.10 18.60
C ALA B 36 28.51 -0.99 19.52
N ASP B 37 29.46 -0.21 19.05
CA ASP B 37 29.76 1.09 19.64
C ASP B 37 28.82 2.12 19.04
N ILE B 38 28.64 3.24 19.73
CA ILE B 38 27.55 4.16 19.47
C ILE B 38 28.00 5.61 19.33
N ILE B 39 27.52 6.30 18.31
CA ILE B 39 27.58 7.74 18.21
C ILE B 39 26.18 8.24 18.52
N ALA B 40 26.01 8.90 19.67
CA ALA B 40 24.71 9.24 20.20
C ALA B 40 24.55 10.73 20.23
N VAL B 41 23.56 11.25 19.52
CA VAL B 41 23.33 12.69 19.48
C VAL B 41 21.93 13.02 19.89
N ASP B 42 21.79 14.17 20.54
CA ASP B 42 20.48 14.68 20.95
C ASP B 42 20.62 16.18 21.13
N ILE B 43 19.52 16.89 20.95
CA ILE B 43 19.53 18.33 21.10
C ILE B 43 19.79 18.73 22.55
N CYS B 44 19.22 17.97 23.48
CA CYS B 44 19.41 18.20 24.92
C CYS B 44 19.04 19.58 25.39
N LYS B 45 18.07 20.19 24.70
CA LYS B 45 17.60 21.56 24.95
C LYS B 45 16.15 21.61 24.46
N PRO B 46 15.38 22.61 24.92
CA PRO B 46 14.10 22.86 24.28
C PRO B 46 14.25 23.12 22.80
N ILE B 47 13.28 22.62 22.04
CA ILE B 47 13.22 22.73 20.61
C ILE B 47 13.14 24.19 20.13
N ARG B 48 12.41 25.00 20.87
CA ARG B 48 12.17 26.38 20.46
C ARG B 48 12.79 27.24 21.55
N ALA B 49 13.73 28.10 21.17
CA ALA B 49 14.68 28.73 22.13
C ALA B 49 14.02 29.33 23.39
N GLY B 50 13.06 30.23 23.20
CA GLY B 50 12.47 30.90 24.35
C GLY B 50 11.38 30.14 25.08
N VAL B 51 11.22 28.83 24.81
CA VAL B 51 9.98 28.11 25.13
C VAL B 51 10.22 26.77 25.81
N VAL B 52 9.81 26.65 27.06
CA VAL B 52 9.98 25.38 27.76
C VAL B 52 8.66 24.73 28.09
N ASP B 53 7.56 25.48 28.00
CA ASP B 53 6.24 25.01 28.43
C ASP B 53 5.54 24.30 27.26
N THR B 54 6.09 23.15 26.86
CA THR B 54 5.55 22.31 25.78
C THR B 54 4.86 21.12 26.40
N ALA B 55 3.94 20.48 25.68
CA ALA B 55 3.32 19.28 26.24
C ALA B 55 4.36 18.18 26.43
N ILE B 56 5.17 17.99 25.42
CA ILE B 56 6.24 16.98 25.45
C ILE B 56 7.46 17.66 26.06
N PRO B 57 7.95 17.13 27.19
CA PRO B 57 9.08 17.83 27.80
C PRO B 57 10.36 17.71 26.99
N ALA B 58 11.20 18.74 27.08
CA ALA B 58 12.51 18.68 26.44
C ALA B 58 13.44 17.66 27.10
N SER B 59 14.44 17.17 26.37
CA SER B 59 15.49 16.37 26.98
CA SER B 59 15.51 16.38 26.94
C SER B 59 16.59 17.29 27.51
N THR B 60 17.45 16.71 28.33
CA THR B 60 18.50 17.45 29.00
C THR B 60 19.86 16.81 28.75
N PRO B 61 20.92 17.57 29.02
CA PRO B 61 22.27 16.97 28.91
C PRO B 61 22.42 15.77 29.79
N GLU B 62 21.86 15.85 31.00
CA GLU B 62 21.95 14.71 31.91
C GLU B 62 21.27 13.45 31.35
N ASP B 63 20.17 13.60 30.63
CA ASP B 63 19.55 12.45 30.02
C ASP B 63 20.54 11.74 29.09
N LEU B 64 21.25 12.52 28.28
CA LEU B 64 22.23 11.93 27.37
C LEU B 64 23.42 11.30 28.09
N ALA B 65 23.85 11.91 29.19
CA ALA B 65 24.90 11.32 30.01
C ALA B 65 24.48 9.97 30.58
N GLU B 66 23.21 9.84 30.92
CA GLU B 66 22.66 8.60 31.41
C GLU B 66 22.67 7.51 30.33
N THR B 67 22.25 7.84 29.14
CA THR B 67 22.40 6.94 28.00
C THR B 67 23.85 6.45 27.85
N ALA B 68 24.79 7.38 27.99
CA ALA B 68 26.21 7.02 27.86
C ALA B 68 26.62 6.02 28.95
N ASP B 69 26.20 6.26 30.18
CA ASP B 69 26.52 5.35 31.26
C ASP B 69 25.93 3.97 31.03
N LEU B 70 24.72 3.90 30.47
CA LEU B 70 24.11 2.62 30.18
C LEU B 70 24.86 1.86 29.09
N VAL B 71 25.26 2.58 28.04
CA VAL B 71 26.06 1.95 26.99
C VAL B 71 27.42 1.44 27.53
N LYS B 72 28.08 2.26 28.32
CA LYS B 72 29.37 1.85 28.92
C LYS B 72 29.21 0.66 29.83
N GLY B 73 28.04 0.51 30.44
CA GLY B 73 27.72 -0.66 31.27
C GLY B 73 27.73 -1.97 30.49
N HIS B 74 27.57 -1.90 29.17
CA HIS B 74 27.70 -3.05 28.29
C HIS B 74 29.09 -3.18 27.72
N ASN B 75 30.03 -2.47 28.29
CA ASN B 75 31.43 -2.53 27.91
CA ASN B 75 31.44 -2.55 27.90
C ASN B 75 31.66 -2.11 26.45
N ARG B 76 30.85 -1.16 25.99
CA ARG B 76 31.03 -0.58 24.67
C ARG B 76 31.41 0.86 24.76
N ARG B 77 31.90 1.39 23.64
CA ARG B 77 32.28 2.79 23.56
C ARG B 77 31.12 3.62 23.07
N ILE B 78 31.08 4.87 23.50
CA ILE B 78 30.06 5.81 23.06
C ILE B 78 30.64 7.20 22.94
N VAL B 79 30.33 7.86 21.85
CA VAL B 79 30.63 9.26 21.61
C VAL B 79 29.30 10.00 21.69
N THR B 80 29.17 11.00 22.56
CA THR B 80 27.95 11.77 22.63
C THR B 80 28.19 13.18 22.09
N ALA B 81 27.12 13.79 21.61
CA ALA B 81 27.14 15.16 21.15
C ALA B 81 25.78 15.77 21.32
N GLU B 82 25.77 16.97 21.89
CA GLU B 82 24.59 17.76 22.04
C GLU B 82 24.50 18.65 20.79
N VAL B 83 23.61 18.25 19.88
CA VAL B 83 23.48 18.89 18.58
C VAL B 83 22.03 18.75 18.05
N ASP B 84 21.57 19.83 17.43
CA ASP B 84 20.25 19.86 16.78
C ASP B 84 20.39 19.31 15.37
N VAL B 85 19.57 18.30 15.01
CA VAL B 85 19.64 17.71 13.66
C VAL B 85 19.29 18.73 12.58
N ARG B 86 18.66 19.86 12.93
CA ARG B 86 18.43 20.92 11.95
C ARG B 86 19.71 21.64 11.54
N ASP B 87 20.74 21.66 12.42
CA ASP B 87 21.98 22.35 12.15
CA ASP B 87 21.99 22.36 12.17
C ASP B 87 22.92 21.41 11.45
N TYR B 88 22.81 21.36 10.12
CA TYR B 88 23.54 20.34 9.35
C TYR B 88 25.06 20.41 9.60
N ASP B 89 25.63 21.60 9.58
CA ASP B 89 27.10 21.71 9.73
C ASP B 89 27.57 21.20 11.09
N ALA B 90 26.82 21.55 12.14
CA ALA B 90 27.12 21.03 13.48
C ALA B 90 26.91 19.54 13.59
N LEU B 91 25.82 19.02 12.97
CA LEU B 91 25.54 17.58 12.99
C LEU B 91 26.65 16.83 12.27
N LYS B 92 27.05 17.32 11.11
CA LYS B 92 28.12 16.69 10.33
C LYS B 92 29.45 16.70 11.09
N ALA B 93 29.76 17.80 11.76
CA ALA B 93 30.97 17.87 12.57
C ALA B 93 30.97 16.81 13.68
N ALA B 94 29.82 16.60 14.31
CA ALA B 94 29.69 15.64 15.40
C ALA B 94 29.87 14.22 14.87
N VAL B 95 29.26 13.90 13.73
CA VAL B 95 29.35 12.59 13.16
C VAL B 95 30.78 12.34 12.66
N ASP B 96 31.39 13.38 12.06
CA ASP B 96 32.78 13.26 11.60
C ASP B 96 33.68 12.88 12.77
N SER B 97 33.49 13.57 13.91
CA SER B 97 34.31 13.28 15.07
C SER B 97 34.03 11.90 15.67
N GLY B 98 32.75 11.49 15.71
CA GLY B 98 32.40 10.18 16.15
C GLY B 98 33.01 9.05 15.34
N VAL B 99 33.01 9.20 14.00
CA VAL B 99 33.63 8.20 13.14
C VAL B 99 35.16 8.18 13.31
N GLU B 100 35.79 9.34 13.48
CA GLU B 100 37.22 9.37 13.83
C GLU B 100 37.47 8.50 15.05
N GLN B 101 36.68 8.70 16.09
CA GLN B 101 36.91 8.01 17.34
C GLN B 101 36.61 6.52 17.30
N LEU B 102 35.55 6.14 16.59
CA LEU B 102 35.06 4.76 16.65
C LEU B 102 35.48 3.91 15.45
N GLY B 103 35.95 4.53 14.36
CA GLY B 103 36.64 3.86 13.29
C GLY B 103 35.85 3.46 12.05
N ARG B 104 34.54 3.59 12.11
CA ARG B 104 33.66 3.19 11.02
C ARG B 104 32.25 3.63 11.34
N LEU B 105 31.35 3.50 10.36
CA LEU B 105 29.93 3.74 10.57
C LEU B 105 29.16 2.75 9.74
N ASP B 106 28.42 1.88 10.42
CA ASP B 106 27.70 0.78 9.75
C ASP B 106 26.20 0.89 9.78
N ILE B 107 25.67 1.59 10.79
CA ILE B 107 24.26 1.65 11.06
C ILE B 107 23.87 3.10 11.36
N ILE B 108 22.80 3.58 10.74
CA ILE B 108 22.22 4.89 11.07
C ILE B 108 20.81 4.67 11.54
N VAL B 109 20.46 5.24 12.69
CA VAL B 109 19.09 5.18 13.21
C VAL B 109 18.60 6.62 13.39
N ALA B 110 17.79 7.07 12.44
CA ALA B 110 17.31 8.46 12.41
C ALA B 110 16.01 8.57 13.21
N ASN B 111 16.18 8.70 14.53
CA ASN B 111 15.12 8.55 15.51
C ASN B 111 14.60 9.87 16.08
N ALA B 112 15.44 10.91 16.13
CA ALA B 112 15.06 12.21 16.71
C ALA B 112 13.75 12.69 16.10
N GLY B 113 12.82 13.11 16.95
CA GLY B 113 11.57 13.67 16.46
C GLY B 113 10.83 14.38 17.56
N ILE B 114 9.82 15.13 17.15
CA ILE B 114 8.99 15.95 18.05
C ILE B 114 7.53 15.75 17.79
N GLY B 115 6.73 16.18 18.76
CA GLY B 115 5.37 16.61 18.57
C GLY B 115 5.24 18.09 18.88
N ASN B 116 4.30 18.75 18.21
CA ASN B 116 3.88 20.09 18.57
C ASN B 116 2.47 20.30 18.07
N GLY B 117 1.93 21.49 18.30
CA GLY B 117 0.63 21.79 17.74
C GLY B 117 -0.51 21.01 18.37
N GLY B 118 -1.44 20.57 17.55
CA GLY B 118 -2.63 19.83 18.00
C GLY B 118 -3.93 20.41 17.48
N ASP B 119 -3.83 21.46 16.67
CA ASP B 119 -5.00 22.03 15.96
C ASP B 119 -5.29 21.15 14.72
N THR B 120 -6.48 21.31 14.16
CA THR B 120 -6.70 20.74 12.84
C THR B 120 -5.70 21.33 11.85
N LEU B 121 -5.50 20.63 10.76
CA LEU B 121 -4.44 20.99 9.84
C LEU B 121 -4.72 22.34 9.16
N ASP B 122 -6.00 22.67 8.97
CA ASP B 122 -6.39 23.95 8.40
C ASP B 122 -6.22 25.12 9.37
N LYS B 123 -6.00 24.82 10.63
CA LYS B 123 -5.82 25.82 11.67
C LYS B 123 -4.43 25.76 12.30
N THR B 124 -3.56 24.95 11.75
CA THR B 124 -2.19 24.80 12.24
C THR B 124 -1.36 26.03 11.87
N SER B 125 -0.57 26.52 12.79
CA SER B 125 0.27 27.69 12.49
C SER B 125 1.44 27.32 11.61
N GLU B 126 1.90 28.29 10.85
CA GLU B 126 3.10 28.07 10.06
C GLU B 126 4.33 27.81 10.96
N GLU B 127 4.34 28.41 12.14
CA GLU B 127 5.43 28.17 13.07
CA GLU B 127 5.43 28.15 13.09
C GLU B 127 5.47 26.68 13.49
N ASP B 128 4.32 26.13 13.84
CA ASP B 128 4.26 24.71 14.25
C ASP B 128 4.56 23.80 13.06
N TRP B 129 3.96 24.11 11.91
CA TRP B 129 4.22 23.34 10.68
C TRP B 129 5.71 23.28 10.40
N THR B 130 6.34 24.46 10.39
CA THR B 130 7.70 24.55 9.95
C THR B 130 8.64 23.81 10.85
N GLU B 131 8.45 23.95 12.16
CA GLU B 131 9.28 23.26 13.11
C GLU B 131 9.14 21.73 12.97
N MET B 132 7.91 21.30 12.74
CA MET B 132 7.61 19.90 12.55
C MET B 132 8.31 19.32 11.31
N ILE B 133 8.18 19.99 10.19
CA ILE B 133 8.85 19.54 8.96
C ILE B 133 10.36 19.61 9.12
N ASP B 134 10.86 20.69 9.70
CA ASP B 134 12.29 20.89 9.84
C ASP B 134 12.95 19.77 10.65
N ILE B 135 12.30 19.29 11.70
CA ILE B 135 12.87 18.23 12.51
C ILE B 135 12.53 16.84 12.02
N ASN B 136 11.22 16.57 11.86
CA ASN B 136 10.78 15.21 11.60
C ASN B 136 10.97 14.75 10.16
N LEU B 137 11.13 15.67 9.22
CA LEU B 137 11.38 15.32 7.81
C LEU B 137 12.80 15.76 7.41
N ALA B 138 13.06 17.07 7.40
CA ALA B 138 14.36 17.54 7.02
C ALA B 138 15.48 17.07 7.94
N GLY B 139 15.19 16.96 9.23
CA GLY B 139 16.20 16.46 10.16
C GLY B 139 16.61 15.03 9.90
N VAL B 140 15.65 14.23 9.45
CA VAL B 140 15.92 12.84 9.09
C VAL B 140 16.81 12.82 7.82
N TRP B 141 16.46 13.63 6.84
CA TRP B 141 17.32 13.81 5.65
C TRP B 141 18.73 14.21 6.00
N LYS B 142 18.87 15.22 6.85
CA LYS B 142 20.19 15.68 7.28
C LYS B 142 21.00 14.62 8.04
N THR B 143 20.32 13.84 8.86
CA THR B 143 20.94 12.74 9.59
C THR B 143 21.56 11.74 8.63
N VAL B 144 20.80 11.27 7.64
CA VAL B 144 21.34 10.35 6.66
C VAL B 144 22.47 10.99 5.85
N LYS B 145 22.25 12.22 5.39
CA LYS B 145 23.25 12.95 4.60
C LYS B 145 24.57 13.07 5.35
N ALA B 146 24.51 13.29 6.64
CA ALA B 146 25.73 13.44 7.48
C ALA B 146 26.48 12.11 7.65
N GLY B 147 25.76 11.03 7.85
CA GLY B 147 26.38 9.76 8.16
C GLY B 147 26.79 8.94 6.98
N VAL B 148 26.05 9.02 5.91
CA VAL B 148 26.26 8.07 4.83
C VAL B 148 27.62 8.16 4.10
N PRO B 149 28.28 9.35 4.01
CA PRO B 149 29.58 9.30 3.34
C PRO B 149 30.57 8.38 4.07
N HIS B 150 30.46 8.32 5.40
CA HIS B 150 31.30 7.43 6.18
C HIS B 150 31.02 5.96 5.96
N MET B 151 29.74 5.66 5.76
CA MET B 151 29.31 4.29 5.47
C MET B 151 29.79 3.88 4.07
N ILE B 152 29.58 4.76 3.09
CA ILE B 152 30.03 4.50 1.72
C ILE B 152 31.53 4.29 1.67
N ALA B 153 32.26 5.18 2.34
CA ALA B 153 33.73 5.13 2.27
C ALA B 153 34.27 3.86 2.92
N GLY B 154 33.57 3.32 3.92
CA GLY B 154 33.98 2.06 4.53
C GLY B 154 34.01 0.87 3.61
N GLY B 155 33.11 0.86 2.62
CA GLY B 155 33.10 -0.19 1.63
C GLY B 155 32.59 -1.54 2.12
N ARG B 156 31.85 -1.53 3.22
CA ARG B 156 31.38 -2.79 3.82
C ARG B 156 29.87 -2.91 3.75
N GLY B 157 29.19 -1.98 3.09
CA GLY B 157 27.73 -1.95 3.12
C GLY B 157 27.26 -1.36 4.45
N GLY B 158 25.99 -1.43 4.72
CA GLY B 158 25.47 -0.91 5.97
C GLY B 158 23.96 -0.94 5.98
N SER B 159 23.40 -0.35 7.03
CA SER B 159 21.97 -0.42 7.27
C SER B 159 21.49 0.88 7.87
N ILE B 160 20.48 1.47 7.25
CA ILE B 160 19.90 2.73 7.67
C ILE B 160 18.43 2.51 8.02
N ILE B 161 18.06 2.93 9.23
CA ILE B 161 16.70 2.77 9.74
C ILE B 161 16.17 4.19 10.05
N LEU B 162 15.07 4.55 9.43
CA LEU B 162 14.40 5.77 9.67
C LEU B 162 13.16 5.56 10.52
N THR B 163 13.00 6.34 11.58
CA THR B 163 11.82 6.25 12.39
C THR B 163 10.69 7.09 11.80
N SER B 164 9.68 6.42 11.24
CA SER B 164 8.47 7.09 10.84
C SER B 164 7.47 6.92 12.00
N SER B 165 6.30 6.34 11.72
CA SER B 165 5.23 6.20 12.69
C SER B 165 4.11 5.47 11.99
N VAL B 166 3.15 4.95 12.75
CA VAL B 166 1.84 4.60 12.15
C VAL B 166 1.30 5.81 11.40
N GLY B 167 1.59 6.99 11.91
CA GLY B 167 1.24 8.25 11.23
C GLY B 167 1.94 8.54 9.91
N GLY B 168 2.93 7.72 9.56
CA GLY B 168 3.51 7.76 8.20
C GLY B 168 2.77 6.89 7.20
N LEU B 169 1.75 6.16 7.69
CA LEU B 169 0.97 5.19 6.88
C LEU B 169 -0.53 5.49 6.90
N LYS B 170 -0.98 6.15 7.95
CA LYS B 170 -2.38 6.55 8.07
C LYS B 170 -2.49 7.77 8.95
N ALA B 171 -3.60 8.48 8.83
CA ALA B 171 -3.75 9.74 9.50
C ALA B 171 -4.67 9.65 10.70
N TYR B 172 -4.60 10.62 11.57
CA TYR B 172 -5.55 10.76 12.67
C TYR B 172 -5.78 12.24 12.91
N PRO B 173 -7.02 12.64 13.20
CA PRO B 173 -7.26 14.06 13.43
C PRO B 173 -6.35 14.70 14.46
N HIS B 174 -6.01 15.96 14.20
CA HIS B 174 -5.18 16.81 15.08
C HIS B 174 -3.72 16.41 15.09
N THR B 175 -3.32 15.58 14.13
CA THR B 175 -1.88 15.24 13.97
C THR B 175 -1.36 15.47 12.54
N GLY B 176 -2.02 16.30 11.76
CA GLY B 176 -1.81 16.29 10.33
C GLY B 176 -0.46 16.74 9.85
N HIS B 177 0.14 17.71 10.54
CA HIS B 177 1.49 18.18 10.18
C HIS B 177 2.54 17.11 10.46
N TYR B 178 2.39 16.41 11.58
CA TYR B 178 3.20 15.26 11.90
C TYR B 178 3.01 14.11 10.91
N VAL B 179 1.76 13.82 10.53
CA VAL B 179 1.44 12.84 9.48
C VAL B 179 2.11 13.18 8.16
N ALA B 180 2.07 14.45 7.76
CA ALA B 180 2.79 14.84 6.52
C ALA B 180 4.26 14.58 6.62
N ALA B 181 4.89 15.01 7.71
CA ALA B 181 6.32 14.76 7.90
C ALA B 181 6.62 13.25 7.86
N LYS B 182 5.84 12.48 8.59
CA LYS B 182 6.13 11.04 8.72
C LYS B 182 5.90 10.28 7.41
N HIS B 183 4.96 10.73 6.61
CA HIS B 183 4.79 10.21 5.24
C HIS B 183 5.97 10.58 4.38
N GLY B 184 6.45 11.82 4.53
CA GLY B 184 7.69 12.22 3.83
C GLY B 184 8.88 11.34 4.18
N VAL B 185 8.95 10.88 5.42
CA VAL B 185 10.02 9.96 5.85
C VAL B 185 9.98 8.63 5.06
N VAL B 186 8.78 8.15 4.74
CA VAL B 186 8.65 6.99 3.88
C VAL B 186 9.26 7.24 2.49
N GLY B 187 9.03 8.47 1.98
CA GLY B 187 9.67 8.88 0.72
C GLY B 187 11.18 8.89 0.83
N LEU B 188 11.72 9.42 1.90
CA LEU B 188 13.16 9.42 2.11
C LEU B 188 13.72 8.00 2.15
N MET B 189 13.00 7.11 2.83
CA MET B 189 13.41 5.71 2.92
C MET B 189 13.51 5.09 1.53
N ARG B 190 12.49 5.32 0.72
CA ARG B 190 12.48 4.75 -0.62
C ARG B 190 13.56 5.40 -1.51
N ALA B 191 13.69 6.71 -1.43
CA ALA B 191 14.66 7.42 -2.25
C ALA B 191 16.09 7.05 -1.90
N PHE B 192 16.42 7.03 -0.62
CA PHE B 192 17.74 6.57 -0.23
C PHE B 192 17.93 5.08 -0.58
N GLY B 193 16.88 4.26 -0.44
CA GLY B 193 16.96 2.86 -0.76
C GLY B 193 17.36 2.61 -2.20
N VAL B 194 16.75 3.35 -3.12
CA VAL B 194 17.03 3.14 -4.53
C VAL B 194 18.39 3.66 -4.91
N GLU B 195 18.89 4.68 -4.21
CA GLU B 195 20.20 5.27 -4.52
C GLU B 195 21.37 4.55 -3.88
N LEU B 196 21.17 3.99 -2.69
CA LEU B 196 22.26 3.45 -1.92
C LEU B 196 22.39 1.92 -2.02
N GLY B 197 21.43 1.24 -2.63
CA GLY B 197 21.49 -0.24 -2.77
C GLY B 197 22.74 -0.71 -3.48
N GLN B 198 23.19 0.09 -4.46
CA GLN B 198 24.41 -0.22 -5.21
C GLN B 198 25.64 -0.39 -4.34
N HIS B 199 25.62 0.20 -3.16
CA HIS B 199 26.70 0.09 -2.17
C HIS B 199 26.44 -0.98 -1.15
N MET B 200 25.43 -1.83 -1.39
CA MET B 200 24.96 -2.82 -0.39
C MET B 200 24.58 -2.10 0.93
N ILE B 201 23.98 -0.92 0.80
CA ILE B 201 23.42 -0.23 1.91
C ILE B 201 21.88 -0.41 1.84
N ARG B 202 21.34 -0.95 2.90
CA ARG B 202 19.90 -1.16 3.04
C ARG B 202 19.30 0.05 3.73
N VAL B 203 18.07 0.39 3.37
CA VAL B 203 17.33 1.47 3.98
C VAL B 203 15.90 1.02 4.22
N ASN B 204 15.44 1.13 5.46
CA ASN B 204 14.13 0.70 5.87
C ASN B 204 13.59 1.64 6.90
N SER B 205 12.29 1.58 7.11
CA SER B 205 11.66 2.45 8.12
C SER B 205 10.89 1.61 9.14
N VAL B 206 10.88 2.09 10.39
CA VAL B 206 10.05 1.52 11.43
C VAL B 206 8.87 2.43 11.73
N HIS B 207 7.71 1.83 12.00
CA HIS B 207 6.49 2.60 12.20
C HIS B 207 5.82 2.22 13.51
N PRO B 208 6.25 2.83 14.62
CA PRO B 208 5.66 2.49 15.89
C PRO B 208 4.22 2.96 16.02
N THR B 209 3.42 2.18 16.75
CA THR B 209 2.20 2.71 17.37
C THR B 209 2.65 3.47 18.62
N HIS B 210 1.71 3.83 19.49
CA HIS B 210 2.05 4.45 20.76
C HIS B 210 3.15 3.70 21.43
N VAL B 211 4.16 4.43 21.90
CA VAL B 211 5.30 3.86 22.64
C VAL B 211 5.40 4.58 23.98
N LYS B 212 5.62 3.80 25.04
CA LYS B 212 5.75 4.38 26.40
C LYS B 212 7.08 5.12 26.55
N THR B 213 7.05 6.41 26.21
CA THR B 213 8.16 7.36 26.37
C THR B 213 7.52 8.68 26.78
N PRO B 214 8.35 9.67 27.12
CA PRO B 214 7.74 10.98 27.48
C PRO B 214 7.01 11.70 26.38
N MET B 215 7.18 11.26 25.12
CA MET B 215 6.42 11.79 24.04
C MET B 215 4.93 11.42 24.16
N LEU B 216 4.66 10.25 24.71
CA LEU B 216 3.30 9.77 24.92
C LEU B 216 2.81 10.08 26.34
N HIS B 217 3.67 9.83 27.33
CA HIS B 217 3.29 9.89 28.74
C HIS B 217 3.65 11.24 29.27
N ASN B 218 2.76 12.19 29.05
CA ASN B 218 2.90 13.52 29.62
C ASN B 218 1.53 14.09 29.89
N GLU B 219 1.48 15.06 30.81
CA GLU B 219 0.22 15.59 31.33
C GLU B 219 -0.70 16.09 30.21
N GLY B 220 -0.14 16.84 29.26
CA GLY B 220 -0.86 17.32 28.10
C GLY B 220 -1.54 16.27 27.25
N THR B 221 -0.83 15.17 27.06
CA THR B 221 -1.34 14.06 26.27
C THR B 221 -2.41 13.28 27.05
N PHE B 222 -2.18 13.07 28.34
CA PHE B 222 -3.18 12.41 29.19
C PHE B 222 -4.50 13.17 29.10
N LYS B 223 -4.42 14.49 29.21
CA LYS B 223 -5.62 15.35 29.18
C LYS B 223 -6.31 15.34 27.82
N MET B 224 -5.52 15.28 26.75
CA MET B 224 -6.07 15.18 25.39
C MET B 224 -6.83 13.86 25.12
N PHE B 225 -6.29 12.75 25.63
CA PHE B 225 -6.92 11.44 25.45
C PHE B 225 -8.15 11.27 26.37
N ARG B 226 -8.15 11.98 27.51
CA ARG B 226 -9.22 11.84 28.51
C ARG B 226 -9.66 13.21 28.98
N PRO B 227 -10.32 13.97 28.07
CA PRO B 227 -10.82 15.31 28.42
C PRO B 227 -11.94 15.25 29.48
N ASP B 228 -12.53 14.07 29.67
CA ASP B 228 -13.56 13.89 30.69
C ASP B 228 -13.03 13.89 32.13
N LEU B 229 -11.71 13.76 32.30
CA LEU B 229 -11.10 13.69 33.62
C LEU B 229 -10.30 14.95 33.96
N GLU B 230 -10.23 15.25 35.25
CA GLU B 230 -9.54 16.46 35.69
C GLU B 230 -8.04 16.25 35.76
N ASN B 231 -7.60 15.12 36.29
CA ASN B 231 -6.17 14.81 36.40
C ASN B 231 -5.85 13.39 35.91
N PRO B 232 -6.06 13.12 34.61
CA PRO B 232 -5.83 11.76 34.11
C PRO B 232 -4.36 11.35 34.12
N GLY B 233 -4.11 10.07 34.33
CA GLY B 233 -2.77 9.51 34.25
C GLY B 233 -2.71 8.45 33.17
N PRO B 234 -1.59 7.69 33.13
CA PRO B 234 -1.43 6.64 32.12
C PRO B 234 -2.54 5.58 32.17
N ASP B 235 -3.00 5.20 33.37
CA ASP B 235 -4.00 4.15 33.49
CA ASP B 235 -4.01 4.16 33.51
C ASP B 235 -5.32 4.59 32.86
N ASP B 236 -5.56 5.90 32.80
CA ASP B 236 -6.77 6.44 32.20
C ASP B 236 -6.69 6.54 30.70
N MET B 237 -5.49 6.78 30.20
CA MET B 237 -5.25 6.85 28.77
C MET B 237 -5.20 5.44 28.14
N ALA B 238 -4.78 4.46 28.93
CA ALA B 238 -4.52 3.10 28.42
C ALA B 238 -5.68 2.52 27.61
N PRO B 239 -6.91 2.53 28.14
CA PRO B 239 -7.98 1.93 27.38
C PRO B 239 -8.31 2.63 26.06
N ILE B 240 -8.02 3.93 25.98
CA ILE B 240 -8.27 4.67 24.75
C ILE B 240 -7.21 4.26 23.72
N CYS B 241 -5.96 4.22 24.13
CA CYS B 241 -4.88 3.79 23.22
C CYS B 241 -5.12 2.38 22.74
N GLN B 242 -5.61 1.53 23.63
CA GLN B 242 -5.80 0.13 23.30
C GLN B 242 -6.81 -0.09 22.19
N MET B 243 -7.78 0.83 22.07
CA MET B 243 -8.82 0.71 21.03
C MET B 243 -8.23 0.79 19.60
N PHE B 244 -7.04 1.35 19.48
CA PHE B 244 -6.35 1.48 18.17
C PHE B 244 -5.70 0.17 17.73
N HIS B 245 -5.63 -0.83 18.62
CA HIS B 245 -4.84 -2.05 18.40
C HIS B 245 -5.62 -3.29 18.20
N THR B 246 -5.02 -4.25 17.52
CA THR B 246 -5.60 -5.56 17.40
CA THR B 246 -5.61 -5.59 17.40
C THR B 246 -5.17 -6.49 18.55
N LEU B 247 -3.93 -6.34 19.02
CA LEU B 247 -3.53 -7.03 20.24
C LEU B 247 -4.02 -6.20 21.43
N PRO B 248 -4.48 -6.86 22.48
CA PRO B 248 -5.05 -6.11 23.60
C PRO B 248 -4.00 -5.54 24.57
N ILE B 249 -3.28 -4.54 24.06
CA ILE B 249 -2.31 -3.77 24.84
C ILE B 249 -2.49 -2.29 24.54
N PRO B 250 -2.08 -1.42 25.46
CA PRO B 250 -2.29 0.01 25.24
C PRO B 250 -1.17 0.68 24.43
N TRP B 251 0.03 0.12 24.46
CA TRP B 251 1.20 0.72 23.81
C TRP B 251 2.29 -0.29 23.83
N VAL B 252 3.27 -0.08 22.98
CA VAL B 252 4.48 -0.90 23.02
C VAL B 252 5.53 -0.19 23.84
N GLU B 253 6.63 -0.90 24.10
CA GLU B 253 7.73 -0.36 24.87
CA GLU B 253 7.74 -0.35 24.87
C GLU B 253 8.89 0.01 23.95
N PRO B 254 9.81 0.87 24.43
CA PRO B 254 10.95 1.22 23.58
C PRO B 254 11.70 -0.04 23.11
N ILE B 255 11.84 -1.05 23.97
CA ILE B 255 12.55 -2.27 23.56
C ILE B 255 11.95 -2.96 22.34
N ASP B 256 10.63 -2.85 22.18
CA ASP B 256 9.99 -3.41 21.00
C ASP B 256 10.47 -2.74 19.74
N ILE B 257 10.64 -1.42 19.77
CA ILE B 257 11.15 -0.77 18.60
C ILE B 257 12.62 -1.11 18.41
N SER B 258 13.38 -1.14 19.50
CA SER B 258 14.79 -1.46 19.43
C SER B 258 15.04 -2.84 18.87
N ASN B 259 14.18 -3.80 19.19
CA ASN B 259 14.36 -5.15 18.64
C ASN B 259 14.18 -5.20 17.12
N ALA B 260 13.25 -4.39 16.59
CA ALA B 260 13.11 -4.24 15.14
C ALA B 260 14.31 -3.56 14.51
N VAL B 261 14.77 -2.47 15.15
CA VAL B 261 15.97 -1.75 14.68
C VAL B 261 17.15 -2.73 14.64
N LEU B 262 17.33 -3.49 15.73
CA LEU B 262 18.40 -4.50 15.80
C LEU B 262 18.32 -5.49 14.64
N PHE B 263 17.13 -6.00 14.36
CA PHE B 263 16.95 -6.93 13.26
C PHE B 263 17.44 -6.32 11.95
N PHE B 264 16.96 -5.12 11.63
CA PHE B 264 17.33 -4.46 10.39
C PHE B 264 18.79 -4.16 10.34
N ALA B 265 19.39 -3.80 11.48
CA ALA B 265 20.82 -3.47 11.56
C ALA B 265 21.74 -4.66 11.36
N SER B 266 21.26 -5.84 11.74
CA SER B 266 22.04 -7.05 11.77
C SER B 266 22.19 -7.69 10.38
N ASP B 267 23.18 -8.56 10.24
CA ASP B 267 23.37 -9.33 9.03
C ASP B 267 22.22 -10.29 8.76
N GLU B 268 21.39 -10.55 9.76
CA GLU B 268 20.23 -11.41 9.55
C GLU B 268 19.25 -10.76 8.61
N ALA B 269 19.36 -9.45 8.40
CA ALA B 269 18.49 -8.71 7.48
C ALA B 269 19.29 -8.11 6.30
N ARG B 270 20.35 -8.79 5.93
CA ARG B 270 21.32 -8.33 4.95
C ARG B 270 20.71 -8.01 3.60
N TYR B 271 19.61 -8.68 3.22
CA TYR B 271 19.00 -8.44 1.91
C TYR B 271 17.61 -7.79 2.00
N ILE B 272 17.31 -7.20 3.14
CA ILE B 272 16.03 -6.50 3.39
C ILE B 272 16.26 -5.04 3.22
N THR B 273 15.60 -4.48 2.22
CA THR B 273 15.69 -3.02 1.96
C THR B 273 14.40 -2.53 1.35
N GLY B 274 14.06 -1.26 1.62
CA GLY B 274 12.84 -0.68 1.10
C GLY B 274 11.57 -0.94 1.88
N VAL B 275 11.66 -1.48 3.07
CA VAL B 275 10.48 -1.92 3.80
C VAL B 275 9.99 -0.88 4.79
N THR B 276 8.66 -0.76 4.87
CA THR B 276 7.97 -0.03 5.93
C THR B 276 7.48 -1.06 6.96
N LEU B 277 8.13 -1.16 8.13
CA LEU B 277 7.81 -2.16 9.15
C LEU B 277 7.04 -1.53 10.30
N PRO B 278 5.72 -1.80 10.41
CA PRO B 278 5.01 -1.39 11.62
C PRO B 278 5.37 -2.27 12.81
N ILE B 279 5.59 -1.62 13.95
CA ILE B 279 5.62 -2.28 15.26
C ILE B 279 4.46 -1.63 16.00
N ASP B 280 3.28 -2.15 15.72
CA ASP B 280 2.06 -1.37 15.93
C ASP B 280 0.92 -2.15 16.55
N ALA B 281 1.18 -3.36 17.04
CA ALA B 281 0.16 -4.13 17.71
C ALA B 281 -1.10 -4.26 16.84
N GLY B 282 -0.92 -4.26 15.53
CA GLY B 282 -2.01 -4.41 14.61
C GLY B 282 -2.85 -3.16 14.29
N SER B 283 -2.35 -1.98 14.64
CA SER B 283 -3.06 -0.74 14.31
CA SER B 283 -3.01 -0.70 14.31
C SER B 283 -3.39 -0.64 12.82
N CYS B 284 -2.45 -1.05 11.98
CA CYS B 284 -2.63 -0.88 10.53
C CYS B 284 -3.54 -1.91 9.94
N LEU B 285 -4.01 -2.87 10.72
CA LEU B 285 -5.07 -3.76 10.26
C LEU B 285 -6.46 -3.16 10.39
N LYS B 286 -6.57 -2.04 11.09
CA LYS B 286 -7.87 -1.44 11.32
C LYS B 286 -8.26 -0.50 10.21
N THR C 6 20.99 -19.70 25.47
CA THR C 6 19.50 -19.60 25.38
C THR C 6 19.02 -19.09 24.00
N GLY C 7 18.31 -19.95 23.29
CA GLY C 7 17.89 -19.64 21.92
C GLY C 7 16.72 -18.66 21.88
N ARG C 8 16.58 -17.98 20.74
CA ARG C 8 15.51 -17.02 20.59
C ARG C 8 14.10 -17.59 20.51
N VAL C 9 13.95 -18.92 20.33
CA VAL C 9 12.66 -19.56 20.42
C VAL C 9 12.74 -20.75 21.39
N GLU C 10 13.54 -20.59 22.44
CA GLU C 10 13.79 -21.68 23.36
C GLU C 10 12.47 -22.17 23.97
N GLY C 11 12.29 -23.47 23.97
CA GLY C 11 11.13 -24.08 24.60
C GLY C 11 9.83 -24.04 23.79
N LYS C 12 9.89 -23.50 22.60
CA LYS C 12 8.72 -23.44 21.72
CA LYS C 12 8.72 -23.42 21.72
C LYS C 12 8.63 -24.63 20.79
N VAL C 13 7.46 -24.80 20.18
CA VAL C 13 7.23 -25.77 19.14
C VAL C 13 6.73 -25.06 17.91
N ALA C 14 7.31 -25.38 16.76
CA ALA C 14 6.96 -24.79 15.47
C ALA C 14 6.46 -25.88 14.53
N PHE C 15 5.33 -25.60 13.89
CA PHE C 15 4.73 -26.41 12.82
C PHE C 15 5.08 -25.76 11.49
N VAL C 16 5.86 -26.48 10.66
CA VAL C 16 6.35 -25.95 9.39
C VAL C 16 5.91 -26.86 8.26
N THR C 17 5.17 -26.33 7.31
CA THR C 17 4.80 -27.07 6.12
C THR C 17 5.83 -26.86 5.00
N GLY C 18 5.91 -27.83 4.08
CA GLY C 18 6.90 -27.82 3.03
C GLY C 18 8.31 -27.97 3.56
N ALA C 19 8.45 -28.76 4.62
CA ALA C 19 9.69 -28.87 5.35
C ALA C 19 10.73 -29.85 4.76
N ALA C 20 10.42 -30.48 3.65
CA ALA C 20 11.34 -31.49 3.08
C ALA C 20 12.61 -30.92 2.53
N ARG C 21 12.56 -29.67 2.06
CA ARG C 21 13.73 -29.06 1.45
C ARG C 21 13.56 -27.55 1.38
N GLY C 22 14.53 -26.87 0.79
CA GLY C 22 14.35 -25.44 0.46
C GLY C 22 14.14 -24.58 1.66
N GLN C 23 13.21 -23.63 1.54
CA GLN C 23 12.96 -22.71 2.64
C GLN C 23 12.41 -23.43 3.86
N GLY C 24 11.49 -24.37 3.66
CA GLY C 24 10.88 -25.06 4.78
C GLY C 24 11.87 -25.85 5.62
N ARG C 25 12.79 -26.56 4.95
CA ARG C 25 13.86 -27.19 5.64
C ARG C 25 14.67 -26.15 6.44
N SER C 26 15.03 -25.06 5.77
CA SER C 26 15.83 -24.02 6.41
C SER C 26 15.12 -23.50 7.64
N HIS C 27 13.80 -23.30 7.56
CA HIS C 27 13.03 -22.81 8.72
C HIS C 27 13.07 -23.78 9.86
N ALA C 28 12.85 -25.07 9.56
CA ALA C 28 12.92 -26.10 10.58
C ALA C 28 14.26 -26.11 11.28
N VAL C 29 15.34 -26.04 10.49
CA VAL C 29 16.69 -26.12 11.03
C VAL C 29 17.03 -24.86 11.82
N ARG C 30 16.70 -23.67 11.30
CA ARG C 30 17.01 -22.43 12.02
C ARG C 30 16.24 -22.32 13.33
N LEU C 31 14.98 -22.63 13.30
CA LEU C 31 14.17 -22.64 14.48
C LEU C 31 14.70 -23.66 15.52
N ALA C 32 15.12 -24.83 15.04
CA ALA C 32 15.71 -25.85 15.94
C ALA C 32 17.02 -25.33 16.58
N GLN C 33 17.84 -24.68 15.76
CA GLN C 33 19.07 -24.09 16.22
C GLN C 33 18.83 -23.11 17.34
N GLU C 34 17.71 -22.40 17.28
CA GLU C 34 17.32 -21.42 18.26
C GLU C 34 16.38 -21.95 19.31
N GLY C 35 16.28 -23.26 19.42
CA GLY C 35 15.68 -23.89 20.59
C GLY C 35 14.29 -24.49 20.47
N ALA C 36 13.71 -24.46 19.28
CA ALA C 36 12.33 -24.97 19.08
C ALA C 36 12.36 -26.44 18.63
N ASP C 37 11.40 -27.21 19.11
CA ASP C 37 11.10 -28.50 18.52
C ASP C 37 10.14 -28.29 17.35
N ILE C 38 10.10 -29.26 16.43
CA ILE C 38 9.51 -29.05 15.10
C ILE C 38 8.51 -30.12 14.73
N ILE C 39 7.34 -29.70 14.26
CA ILE C 39 6.41 -30.57 13.56
C ILE C 39 6.59 -30.22 12.07
N ALA C 40 7.15 -31.16 11.30
CA ALA C 40 7.57 -30.93 9.94
C ALA C 40 6.76 -31.76 8.99
N VAL C 41 6.04 -31.10 8.10
CA VAL C 41 5.17 -31.81 7.17
C VAL C 41 5.52 -31.46 5.74
N ASP C 42 5.40 -32.46 4.86
CA ASP C 42 5.64 -32.25 3.44
C ASP C 42 4.92 -33.35 2.69
N ILE C 43 4.49 -33.05 1.47
CA ILE C 43 3.78 -34.03 0.65
C ILE C 43 4.68 -35.20 0.26
N CYS C 44 5.96 -34.90 0.01
CA CYS C 44 6.96 -35.91 -0.31
C CYS C 44 6.58 -36.81 -1.48
N LYS C 45 5.83 -36.25 -2.42
CA LYS C 45 5.32 -36.96 -3.61
C LYS C 45 5.10 -35.91 -4.68
N PRO C 46 4.97 -36.34 -5.94
CA PRO C 46 4.50 -35.39 -6.94
C PRO C 46 3.13 -34.83 -6.60
N ILE C 47 2.94 -33.56 -6.93
CA ILE C 47 1.75 -32.83 -6.67
C ILE C 47 0.53 -33.41 -7.38
N ARG C 48 0.76 -33.89 -8.60
CA ARG C 48 -0.33 -34.38 -9.43
C ARG C 48 -0.04 -35.85 -9.69
N ALA C 49 -0.97 -36.71 -9.31
CA ALA C 49 -0.69 -38.16 -9.14
C ALA C 49 0.08 -38.81 -10.30
N GLY C 50 -0.47 -38.70 -11.50
CA GLY C 50 0.13 -39.39 -12.63
C GLY C 50 1.32 -38.68 -13.29
N VAL C 51 1.88 -37.64 -12.63
CA VAL C 51 2.73 -36.65 -13.32
C VAL C 51 4.01 -36.36 -12.57
N VAL C 52 5.13 -36.72 -13.15
CA VAL C 52 6.41 -36.45 -12.50
C VAL C 52 7.24 -35.46 -13.29
N ASP C 53 6.90 -35.23 -14.56
CA ASP C 53 7.72 -34.40 -15.44
C ASP C 53 7.29 -32.93 -15.36
N THR C 54 7.53 -32.33 -14.20
CA THR C 54 7.22 -30.92 -13.93
C THR C 54 8.51 -30.12 -13.98
N ALA C 55 8.41 -28.81 -14.20
CA ALA C 55 9.62 -27.99 -14.18
C ALA C 55 10.27 -28.02 -12.80
N ILE C 56 9.46 -27.82 -11.78
CA ILE C 56 9.93 -27.85 -10.40
C ILE C 56 9.86 -29.31 -9.94
N PRO C 57 11.00 -29.89 -9.57
CA PRO C 57 10.94 -31.30 -9.16
C PRO C 57 10.17 -31.52 -7.88
N ALA C 58 9.53 -32.68 -7.77
CA ALA C 58 8.86 -33.08 -6.52
C ALA C 58 9.85 -33.34 -5.37
N SER C 59 9.39 -33.22 -4.12
CA SER C 59 10.20 -33.64 -2.99
CA SER C 59 10.17 -33.64 -2.98
C SER C 59 9.96 -35.13 -2.71
N THR C 60 10.84 -35.71 -1.93
CA THR C 60 10.81 -37.14 -1.67
C THR C 60 10.77 -37.39 -0.16
N PRO C 61 10.40 -38.61 0.22
CA PRO C 61 10.49 -38.98 1.64
C PRO C 61 11.89 -38.81 2.21
N GLU C 62 12.91 -39.15 1.41
CA GLU C 62 14.26 -39.00 1.87
C GLU C 62 14.63 -37.57 2.14
N ASP C 63 14.10 -36.64 1.36
CA ASP C 63 14.34 -35.22 1.61
C ASP C 63 13.88 -34.85 3.03
N LEU C 64 12.67 -35.28 3.37
CA LEU C 64 12.14 -35.00 4.71
C LEU C 64 12.92 -35.69 5.83
N ALA C 65 13.39 -36.91 5.58
CA ALA C 65 14.25 -37.61 6.54
C ALA C 65 15.56 -36.84 6.78
N GLU C 66 16.08 -36.22 5.74
CA GLU C 66 17.28 -35.40 5.83
C GLU C 66 17.02 -34.14 6.70
N THR C 67 15.90 -33.49 6.50
CA THR C 67 15.50 -32.38 7.38
C THR C 67 15.47 -32.83 8.83
N ALA C 68 14.90 -33.99 9.07
CA ALA C 68 14.84 -34.52 10.43
C ALA C 68 16.21 -34.72 11.03
N ASP C 69 17.12 -35.31 10.23
CA ASP C 69 18.49 -35.51 10.73
C ASP C 69 19.18 -34.19 11.07
N LEU C 70 18.92 -33.17 10.27
CA LEU C 70 19.49 -31.88 10.54
C LEU C 70 18.94 -31.26 11.85
N VAL C 71 17.65 -31.35 12.04
CA VAL C 71 17.05 -30.84 13.29
C VAL C 71 17.59 -31.61 14.50
N LYS C 72 17.66 -32.94 14.39
CA LYS C 72 18.21 -33.75 15.50
C LYS C 72 19.64 -33.42 15.80
N GLY C 73 20.38 -32.97 14.78
CA GLY C 73 21.76 -32.51 14.95
C GLY C 73 21.89 -31.32 15.86
N HIS C 74 20.81 -30.53 16.00
CA HIS C 74 20.76 -29.43 16.95
C HIS C 74 20.16 -29.84 18.28
N ASN C 75 20.09 -31.15 18.53
CA ASN C 75 19.60 -31.72 19.79
CA ASN C 75 19.61 -31.71 19.79
C ASN C 75 18.16 -31.31 20.10
N ARG C 76 17.36 -31.19 19.03
CA ARG C 76 15.94 -30.91 19.18
C ARG C 76 15.14 -32.09 18.70
N ARG C 77 13.87 -32.10 19.09
CA ARG C 77 12.93 -33.12 18.66
C ARG C 77 12.21 -32.69 17.41
N ILE C 78 11.86 -33.66 16.58
CA ILE C 78 11.08 -33.41 15.38
C ILE C 78 10.12 -34.56 15.13
N VAL C 79 8.91 -34.19 14.77
CA VAL C 79 7.88 -35.12 14.31
C VAL C 79 7.69 -34.85 12.85
N THR C 80 7.86 -35.87 11.99
CA THR C 80 7.64 -35.67 10.58
C THR C 80 6.35 -36.36 10.16
N ALA C 81 5.74 -35.85 9.09
CA ALA C 81 4.61 -36.46 8.47
C ALA C 81 4.61 -36.15 7.02
N GLU C 82 4.34 -37.18 6.23
CA GLU C 82 4.18 -37.06 4.80
C GLU C 82 2.67 -36.88 4.54
N VAL C 83 2.27 -35.65 4.26
CA VAL C 83 0.87 -35.27 4.14
C VAL C 83 0.75 -34.09 3.17
N ASP C 84 -0.30 -34.12 2.39
CA ASP C 84 -0.67 -33.03 1.46
C ASP C 84 -1.53 -32.02 2.20
N VAL C 85 -1.12 -30.75 2.19
CA VAL C 85 -1.87 -29.69 2.90
C VAL C 85 -3.29 -29.57 2.34
N ARG C 86 -3.56 -30.08 1.14
CA ARG C 86 -4.91 -30.06 0.62
C ARG C 86 -5.84 -31.04 1.36
N ASP C 87 -5.27 -32.07 1.97
CA ASP C 87 -6.08 -33.09 2.66
CA ASP C 87 -6.05 -33.11 2.65
C ASP C 87 -6.22 -32.67 4.10
N TYR C 88 -7.24 -31.86 4.38
CA TYR C 88 -7.39 -31.25 5.71
C TYR C 88 -7.43 -32.33 6.81
N ASP C 89 -8.22 -33.36 6.64
CA ASP C 89 -8.37 -34.35 7.72
C ASP C 89 -7.03 -35.02 8.02
N ALA C 90 -6.29 -35.38 6.98
CA ALA C 90 -4.95 -35.97 7.18
C ALA C 90 -3.98 -34.97 7.79
N LEU C 91 -4.04 -33.70 7.36
CA LEU C 91 -3.15 -32.67 7.91
C LEU C 91 -3.44 -32.46 9.39
N LYS C 92 -4.71 -32.35 9.71
CA LYS C 92 -5.13 -32.16 11.09
C LYS C 92 -4.71 -33.33 11.96
N ALA C 93 -4.83 -34.55 11.45
CA ALA C 93 -4.40 -35.72 12.22
C ALA C 93 -2.88 -35.65 12.51
N ALA C 94 -2.10 -35.25 11.51
CA ALA C 94 -0.66 -35.14 11.67
C ALA C 94 -0.29 -34.07 12.71
N VAL C 95 -0.95 -32.93 12.68
CA VAL C 95 -0.66 -31.88 13.60
C VAL C 95 -1.12 -32.28 15.02
N ASP C 96 -2.29 -32.90 15.09
CA ASP C 96 -2.79 -33.39 16.41
C ASP C 96 -1.74 -34.33 17.03
N SER C 97 -1.19 -35.24 16.23
CA SER C 97 -0.20 -36.17 16.75
C SER C 97 1.10 -35.47 17.13
N GLY C 98 1.53 -34.51 16.31
CA GLY C 98 2.69 -33.76 16.60
C GLY C 98 2.59 -33.00 17.90
N VAL C 99 1.45 -32.36 18.15
CA VAL C 99 1.26 -31.63 19.40
C VAL C 99 1.19 -32.59 20.62
N GLU C 100 0.59 -33.75 20.45
CA GLU C 100 0.65 -34.80 21.50
C GLU C 100 2.08 -35.09 21.88
N GLN C 101 2.91 -35.30 20.87
CA GLN C 101 4.29 -35.67 21.12
C GLN C 101 5.17 -34.56 21.69
N LEU C 102 4.97 -33.33 21.22
CA LEU C 102 5.87 -32.23 21.55
C LEU C 102 5.33 -31.29 22.66
N GLY C 103 4.04 -31.36 22.96
CA GLY C 103 3.46 -30.76 24.14
C GLY C 103 2.77 -29.42 24.01
N ARG C 104 2.93 -28.77 22.87
CA ARG C 104 2.41 -27.43 22.66
C ARG C 104 2.59 -27.05 21.19
N LEU C 105 2.02 -25.90 20.78
CA LEU C 105 2.24 -25.37 19.45
C LEU C 105 2.25 -23.84 19.55
N ASP C 106 3.40 -23.23 19.28
CA ASP C 106 3.60 -21.81 19.46
C ASP C 106 3.75 -21.02 18.15
N ILE C 107 4.24 -21.69 17.11
CA ILE C 107 4.62 -21.06 15.88
C ILE C 107 4.07 -21.89 14.72
N ILE C 108 3.43 -21.24 13.77
CA ILE C 108 3.02 -21.91 12.51
C ILE C 108 3.74 -21.20 11.36
N VAL C 109 4.36 -21.99 10.48
CA VAL C 109 5.03 -21.46 9.29
C VAL C 109 4.42 -22.15 8.09
N ALA C 110 3.51 -21.44 7.41
CA ALA C 110 2.74 -22.00 6.29
C ALA C 110 3.53 -21.73 4.99
N ASN C 111 4.50 -22.61 4.74
CA ASN C 111 5.51 -22.43 3.71
C ASN C 111 5.31 -23.27 2.45
N ALA C 112 4.63 -24.42 2.54
CA ALA C 112 4.40 -25.28 1.38
C ALA C 112 3.82 -24.47 0.23
N GLY C 113 4.36 -24.69 -0.93
CA GLY C 113 3.84 -24.05 -2.14
C GLY C 113 4.42 -24.68 -3.37
N ILE C 114 3.82 -24.32 -4.49
CA ILE C 114 4.19 -24.81 -5.81
C ILE C 114 4.29 -23.70 -6.84
N GLY C 115 4.91 -24.04 -7.95
CA GLY C 115 4.69 -23.42 -9.23
C GLY C 115 4.11 -24.42 -10.20
N ASN C 116 3.34 -23.91 -11.15
CA ASN C 116 2.92 -24.70 -12.29
C ASN C 116 2.61 -23.73 -13.43
N GLY C 117 2.17 -24.28 -14.57
CA GLY C 117 1.69 -23.41 -15.62
C GLY C 117 2.80 -22.62 -16.27
N GLY C 118 2.53 -21.35 -16.57
CA GLY C 118 3.50 -20.48 -17.26
C GLY C 118 2.92 -19.80 -18.48
N ASP C 119 1.67 -20.08 -18.80
CA ASP C 119 0.94 -19.36 -19.86
C ASP C 119 0.48 -17.99 -19.32
N THR C 120 0.08 -17.11 -20.22
CA THR C 120 -0.62 -15.92 -19.77
C THR C 120 -1.90 -16.32 -19.05
N LEU C 121 -2.43 -15.40 -18.25
CA LEU C 121 -3.49 -15.76 -17.36
C LEU C 121 -4.78 -16.07 -18.14
N ASP C 122 -4.96 -15.39 -19.27
CA ASP C 122 -6.10 -15.66 -20.15
C ASP C 122 -6.01 -16.99 -20.89
N LYS C 123 -4.82 -17.63 -20.87
CA LYS C 123 -4.60 -18.91 -21.51
C LYS C 123 -4.25 -20.03 -20.50
N THR C 124 -4.37 -19.75 -19.22
CA THR C 124 -4.07 -20.71 -18.18
C THR C 124 -5.20 -21.71 -18.03
N SER C 125 -4.85 -22.98 -17.91
CA SER C 125 -5.87 -24.01 -17.80
C SER C 125 -6.53 -24.00 -16.43
N GLU C 126 -7.77 -24.44 -16.40
CA GLU C 126 -8.44 -24.57 -15.10
C GLU C 126 -7.73 -25.60 -14.22
N GLU C 127 -7.13 -26.62 -14.81
CA GLU C 127 -6.38 -27.61 -14.04
CA GLU C 127 -6.36 -27.61 -14.03
C GLU C 127 -5.19 -26.94 -13.30
N ASP C 128 -4.43 -26.13 -14.02
CA ASP C 128 -3.30 -25.44 -13.41
C ASP C 128 -3.76 -24.41 -12.38
N TRP C 129 -4.75 -23.63 -12.75
CA TRP C 129 -5.36 -22.67 -11.81
C TRP C 129 -5.76 -23.35 -10.50
N THR C 130 -6.53 -24.41 -10.61
CA THR C 130 -7.16 -25.03 -9.46
C THR C 130 -6.11 -25.61 -8.54
N GLU C 131 -5.11 -26.29 -9.10
CA GLU C 131 -4.04 -26.84 -8.30
C GLU C 131 -3.29 -25.73 -7.56
N MET C 132 -3.03 -24.65 -8.27
CA MET C 132 -2.34 -23.49 -7.68
C MET C 132 -3.13 -22.92 -6.50
N ILE C 133 -4.40 -22.63 -6.68
CA ILE C 133 -5.23 -22.10 -5.61
C ILE C 133 -5.35 -23.07 -4.49
N ASP C 134 -5.55 -24.34 -4.83
CA ASP C 134 -5.74 -25.36 -3.81
C ASP C 134 -4.55 -25.50 -2.87
N ILE C 135 -3.33 -25.38 -3.39
CA ILE C 135 -2.16 -25.50 -2.54
C ILE C 135 -1.72 -24.16 -1.96
N ASN C 136 -1.51 -23.16 -2.82
CA ASN C 136 -0.87 -21.91 -2.40
C ASN C 136 -1.79 -20.98 -1.66
N LEU C 137 -3.11 -21.16 -1.77
CA LEU C 137 -4.06 -20.34 -1.03
C LEU C 137 -4.85 -21.18 -0.02
N ALA C 138 -5.61 -22.15 -0.52
CA ALA C 138 -6.41 -22.97 0.37
C ALA C 138 -5.56 -23.84 1.28
N GLY C 139 -4.39 -24.28 0.81
CA GLY C 139 -3.48 -25.07 1.66
C GLY C 139 -2.90 -24.29 2.80
N VAL C 140 -2.70 -22.98 2.59
CA VAL C 140 -2.25 -22.11 3.66
C VAL C 140 -3.38 -21.94 4.70
N TRP C 141 -4.59 -21.71 4.22
CA TRP C 141 -5.76 -21.66 5.11
C TRP C 141 -5.88 -22.90 5.95
N LYS C 142 -5.80 -24.04 5.30
CA LYS C 142 -5.92 -25.34 6.02
C LYS C 142 -4.81 -25.54 7.04
N THR C 143 -3.61 -25.08 6.72
CA THR C 143 -2.48 -25.19 7.63
C THR C 143 -2.73 -24.44 8.91
N VAL C 144 -3.18 -23.19 8.78
CA VAL C 144 -3.51 -22.40 9.96
C VAL C 144 -4.69 -22.97 10.71
N LYS C 145 -5.73 -23.38 9.99
CA LYS C 145 -6.88 -23.96 10.60
C LYS C 145 -6.53 -25.20 11.42
N ALA C 146 -5.64 -26.04 10.91
CA ALA C 146 -5.23 -27.27 11.63
C ALA C 146 -4.44 -26.97 12.90
N GLY C 147 -3.55 -25.99 12.84
CA GLY C 147 -2.63 -25.74 13.94
C GLY C 147 -3.18 -24.80 15.00
N VAL C 148 -3.98 -23.84 14.62
CA VAL C 148 -4.34 -22.79 15.57
C VAL C 148 -5.19 -23.25 16.80
N PRO C 149 -6.02 -24.29 16.69
CA PRO C 149 -6.71 -24.67 17.95
C PRO C 149 -5.74 -25.07 19.07
N HIS C 150 -4.63 -25.67 18.69
CA HIS C 150 -3.59 -26.05 19.66
C HIS C 150 -2.91 -24.85 20.26
N MET C 151 -2.73 -23.82 19.45
CA MET C 151 -2.10 -22.60 19.92
C MET C 151 -3.06 -21.87 20.85
N ILE C 152 -4.31 -21.75 20.46
CA ILE C 152 -5.32 -21.11 21.33
C ILE C 152 -5.42 -21.82 22.65
N ALA C 153 -5.52 -23.15 22.59
CA ALA C 153 -5.73 -23.91 23.82
C ALA C 153 -4.56 -23.80 24.77
N GLY C 154 -3.36 -23.59 24.25
CA GLY C 154 -2.21 -23.38 25.11
C GLY C 154 -2.28 -22.16 26.01
N GLY C 155 -2.93 -21.09 25.53
CA GLY C 155 -3.14 -19.92 26.33
C GLY C 155 -1.90 -19.08 26.52
N ARG C 156 -0.91 -19.26 25.66
CA ARG C 156 0.35 -18.56 25.78
C ARG C 156 0.57 -17.55 24.65
N GLY C 157 -0.41 -17.38 23.76
CA GLY C 157 -0.20 -16.56 22.57
C GLY C 157 0.60 -17.38 21.56
N GLY C 158 1.05 -16.73 20.52
CA GLY C 158 1.82 -17.45 19.51
C GLY C 158 2.05 -16.57 18.29
N SER C 159 2.67 -17.16 17.28
CA SER C 159 3.08 -16.43 16.10
C SER C 159 2.89 -17.27 14.86
N ILE C 160 2.20 -16.72 13.87
CA ILE C 160 1.87 -17.40 12.63
C ILE C 160 2.47 -16.62 11.47
N ILE C 161 3.26 -17.30 10.66
CA ILE C 161 3.94 -16.71 9.51
C ILE C 161 3.47 -17.41 8.26
N LEU C 162 2.90 -16.66 7.34
CA LEU C 162 2.49 -17.17 6.07
C LEU C 162 3.50 -16.79 4.98
N THR C 163 3.91 -17.74 4.16
CA THR C 163 4.79 -17.41 3.05
C THR C 163 4.00 -16.99 1.84
N SER C 164 4.05 -15.70 1.52
CA SER C 164 3.52 -15.19 0.31
C SER C 164 4.69 -15.12 -0.72
N SER C 165 4.95 -13.95 -1.30
CA SER C 165 5.96 -13.76 -2.31
C SER C 165 5.97 -12.29 -2.62
N VAL C 166 7.01 -11.82 -3.31
CA VAL C 166 6.91 -10.53 -4.03
C VAL C 166 5.67 -10.56 -4.94
N GLY C 167 5.36 -11.75 -5.45
CA GLY C 167 4.16 -11.96 -6.26
C GLY C 167 2.84 -11.82 -5.52
N GLY C 168 2.88 -11.70 -4.20
CA GLY C 168 1.68 -11.31 -3.43
C GLY C 168 1.48 -9.81 -3.29
N LEU C 169 2.45 -9.04 -3.83
CA LEU C 169 2.45 -7.58 -3.76
C LEU C 169 2.49 -6.91 -5.14
N LYS C 170 3.05 -7.61 -6.12
CA LYS C 170 3.09 -7.11 -7.48
C LYS C 170 3.10 -8.26 -8.46
N ALA C 171 2.74 -7.99 -9.71
CA ALA C 171 2.60 -9.03 -10.67
C ALA C 171 3.73 -9.07 -11.65
N TYR C 172 3.88 -10.20 -12.31
CA TYR C 172 4.81 -10.33 -13.43
C TYR C 172 4.18 -11.24 -14.47
N PRO C 173 4.37 -10.93 -15.76
CA PRO C 173 3.77 -11.77 -16.78
C PRO C 173 4.11 -13.25 -16.65
N HIS C 174 3.13 -14.09 -16.99
CA HIS C 174 3.23 -15.55 -16.97
C HIS C 174 3.29 -16.17 -15.60
N THR C 175 2.88 -15.40 -14.58
CA THR C 175 2.79 -15.93 -13.21
C THR C 175 1.44 -15.59 -12.56
N GLY C 176 0.42 -15.28 -13.36
CA GLY C 176 -0.78 -14.63 -12.82
C GLY C 176 -1.60 -15.43 -11.83
N HIS C 177 -1.70 -16.75 -12.04
CA HIS C 177 -2.43 -17.63 -11.09
C HIS C 177 -1.73 -17.73 -9.76
N TYR C 178 -0.39 -17.80 -9.82
CA TYR C 178 0.42 -17.73 -8.63
C TYR C 178 0.27 -16.37 -7.90
N VAL C 179 0.28 -15.29 -8.67
CA VAL C 179 0.06 -13.94 -8.12
C VAL C 179 -1.29 -13.84 -7.44
N ALA C 180 -2.35 -14.38 -8.06
CA ALA C 180 -3.66 -14.38 -7.41
C ALA C 180 -3.63 -15.10 -6.09
N ALA C 181 -3.07 -16.32 -6.06
CA ALA C 181 -2.98 -17.06 -4.82
C ALA C 181 -2.18 -16.31 -3.76
N LYS C 182 -1.03 -15.76 -4.15
CA LYS C 182 -0.14 -15.12 -3.19
C LYS C 182 -0.70 -13.79 -2.65
N HIS C 183 -1.47 -13.09 -3.46
CA HIS C 183 -2.28 -11.95 -2.97
C HIS C 183 -3.37 -12.40 -2.02
N GLY C 184 -4.02 -13.52 -2.32
CA GLY C 184 -5.00 -14.13 -1.38
C GLY C 184 -4.37 -14.45 -0.01
N VAL C 185 -3.10 -14.87 0.00
CA VAL C 185 -2.39 -15.13 1.24
C VAL C 185 -2.27 -13.89 2.13
N VAL C 186 -2.07 -12.72 1.48
CA VAL C 186 -2.07 -11.47 2.23
C VAL C 186 -3.42 -11.24 2.90
N GLY C 187 -4.50 -11.59 2.19
CA GLY C 187 -5.84 -11.53 2.77
C GLY C 187 -5.98 -12.47 3.94
N LEU C 188 -5.49 -13.69 3.84
CA LEU C 188 -5.52 -14.62 4.97
C LEU C 188 -4.76 -14.08 6.15
N MET C 189 -3.59 -13.49 5.88
CA MET C 189 -2.79 -12.92 6.97
C MET C 189 -3.59 -11.87 7.71
N ARG C 190 -4.22 -10.97 6.96
CA ARG C 190 -4.95 -9.88 7.61
C ARG C 190 -6.18 -10.40 8.35
N ALA C 191 -6.88 -11.32 7.72
CA ALA C 191 -8.07 -11.87 8.34
C ALA C 191 -7.77 -12.68 9.61
N PHE C 192 -6.79 -13.56 9.56
CA PHE C 192 -6.41 -14.24 10.77
C PHE C 192 -5.87 -13.22 11.82
N GLY C 193 -5.13 -12.21 11.38
CA GLY C 193 -4.58 -11.23 12.27
C GLY C 193 -5.66 -10.53 13.08
N VAL C 194 -6.75 -10.14 12.44
CA VAL C 194 -7.80 -9.37 13.14
C VAL C 194 -8.59 -10.29 14.05
N GLU C 195 -8.67 -11.57 13.71
CA GLU C 195 -9.45 -12.52 14.54
C GLU C 195 -8.68 -13.09 15.70
N LEU C 196 -7.38 -13.27 15.53
CA LEU C 196 -6.58 -14.00 16.52
C LEU C 196 -5.80 -13.09 17.48
N GLY C 197 -5.75 -11.78 17.20
CA GLY C 197 -5.05 -10.84 18.07
C GLY C 197 -5.52 -10.87 19.51
N GLN C 198 -6.83 -11.09 19.69
CA GLN C 198 -7.41 -11.20 21.03
C GLN C 198 -6.79 -12.27 21.91
N HIS C 199 -6.21 -13.28 21.27
CA HIS C 199 -5.49 -14.36 21.97
C HIS C 199 -4.01 -14.11 22.08
N MET C 200 -3.58 -12.88 21.77
CA MET C 200 -2.14 -12.55 21.67
C MET C 200 -1.43 -13.47 20.64
N ILE C 201 -2.13 -13.80 19.56
CA ILE C 201 -1.56 -14.50 18.45
C ILE C 201 -1.30 -13.49 17.33
N ARG C 202 -0.05 -13.40 16.92
CA ARG C 202 0.38 -12.52 15.84
C ARG C 202 0.33 -13.28 14.55
N VAL C 203 0.00 -12.57 13.47
CA VAL C 203 -0.05 -13.14 12.14
C VAL C 203 0.60 -12.20 11.15
N ASN C 204 1.62 -12.67 10.44
CA ASN C 204 2.39 -11.86 9.50
C ASN C 204 2.72 -12.69 8.29
N SER C 205 3.11 -12.03 7.23
CA SER C 205 3.50 -12.71 6.03
C SER C 205 4.92 -12.29 5.59
N VAL C 206 5.66 -13.26 5.03
CA VAL C 206 6.95 -12.97 4.40
C VAL C 206 6.84 -13.04 2.88
N HIS C 207 7.56 -12.14 2.19
CA HIS C 207 7.47 -12.00 0.77
C HIS C 207 8.83 -12.07 0.12
N PRO C 208 9.29 -13.30 -0.13
CA PRO C 208 10.61 -13.44 -0.75
C PRO C 208 10.66 -12.98 -2.19
N THR C 209 11.79 -12.42 -2.60
CA THR C 209 12.17 -12.38 -4.01
C THR C 209 12.65 -13.81 -4.36
N HIS C 210 13.27 -13.95 -5.52
CA HIS C 210 13.88 -15.21 -5.90
C HIS C 210 14.73 -15.74 -4.78
N VAL C 211 14.58 -17.02 -4.49
CA VAL C 211 15.33 -17.72 -3.46
C VAL C 211 15.97 -18.96 -4.06
N LYS C 212 17.23 -19.18 -3.72
CA LYS C 212 17.97 -20.31 -4.26
C LYS C 212 17.50 -21.65 -3.63
N THR C 213 16.50 -22.24 -4.27
CA THR C 213 15.92 -23.55 -3.89
C THR C 213 15.58 -24.22 -5.22
N PRO C 214 15.14 -25.48 -5.19
CA PRO C 214 14.82 -26.12 -6.46
C PRO C 214 13.62 -25.52 -7.18
N MET C 215 12.84 -24.70 -6.50
CA MET C 215 11.75 -24.01 -7.14
C MET C 215 12.25 -23.00 -8.17
N LEU C 216 13.41 -22.40 -7.88
CA LEU C 216 14.05 -21.43 -8.77
C LEU C 216 15.08 -22.11 -9.68
N HIS C 217 15.88 -22.99 -9.11
CA HIS C 217 17.04 -23.56 -9.79
C HIS C 217 16.66 -24.89 -10.36
N ASN C 218 16.06 -24.85 -11.55
CA ASN C 218 15.71 -26.06 -12.28
C ASN C 218 15.81 -25.76 -13.75
N GLU C 219 15.97 -26.82 -14.54
CA GLU C 219 16.27 -26.70 -15.97
C GLU C 219 15.21 -25.86 -16.69
N GLY C 220 13.94 -26.14 -16.42
CA GLY C 220 12.83 -25.41 -17.00
C GLY C 220 12.86 -23.92 -16.77
N THR C 221 13.22 -23.54 -15.54
CA THR C 221 13.29 -22.14 -15.18
C THR C 221 14.51 -21.47 -15.81
N PHE C 222 15.65 -22.16 -15.81
CA PHE C 222 16.84 -21.64 -16.48
C PHE C 222 16.52 -21.31 -17.94
N LYS C 223 15.83 -22.23 -18.61
CA LYS C 223 15.50 -22.05 -20.03
C LYS C 223 14.51 -20.91 -20.24
N MET C 224 13.56 -20.75 -19.31
CA MET C 224 12.61 -19.66 -19.38
C MET C 224 13.25 -18.27 -19.21
N PHE C 225 14.23 -18.16 -18.32
CA PHE C 225 14.91 -16.89 -18.07
C PHE C 225 15.92 -16.56 -19.18
N ARG C 226 16.44 -17.61 -19.84
CA ARG C 226 17.48 -17.46 -20.87
C ARG C 226 17.13 -18.31 -22.10
N PRO C 227 16.06 -17.90 -22.81
CA PRO C 227 15.66 -18.62 -24.02
C PRO C 227 16.69 -18.51 -25.14
N ASP C 228 17.59 -17.53 -25.04
CA ASP C 228 18.67 -17.36 -26.01
C ASP C 228 19.76 -18.45 -25.93
N LEU C 229 19.78 -19.22 -24.85
CA LEU C 229 20.81 -20.25 -24.65
C LEU C 229 20.25 -21.66 -24.77
N GLU C 230 21.10 -22.59 -25.17
CA GLU C 230 20.68 -23.98 -25.39
C GLU C 230 20.63 -24.75 -24.08
N ASN C 231 21.65 -24.59 -23.24
CA ASN C 231 21.70 -25.29 -21.94
C ASN C 231 22.08 -24.33 -20.80
N PRO C 232 21.20 -23.36 -20.50
CA PRO C 232 21.56 -22.36 -19.46
C PRO C 232 21.60 -22.95 -18.06
N GLY C 233 22.48 -22.42 -17.22
CA GLY C 233 22.56 -22.81 -15.82
C GLY C 233 22.29 -21.60 -14.94
N PRO C 234 22.52 -21.77 -13.62
CA PRO C 234 22.29 -20.66 -12.68
C PRO C 234 23.09 -19.40 -13.02
N ASP C 235 24.32 -19.55 -13.49
CA ASP C 235 25.16 -18.38 -13.77
C ASP C 235 24.57 -17.55 -14.88
N ASP C 236 23.82 -18.19 -15.77
CA ASP C 236 23.21 -17.51 -16.91
C ASP C 236 21.92 -16.81 -16.52
N MET C 237 21.23 -17.37 -15.56
CA MET C 237 20.00 -16.78 -15.04
C MET C 237 20.27 -15.61 -14.11
N ALA C 238 21.41 -15.68 -13.42
CA ALA C 238 21.74 -14.71 -12.37
C ALA C 238 21.59 -13.25 -12.79
N PRO C 239 22.18 -12.84 -13.92
CA PRO C 239 22.04 -11.43 -14.28
C PRO C 239 20.63 -10.97 -14.60
N ILE C 240 19.78 -11.91 -15.04
CA ILE C 240 18.39 -11.56 -15.34
C ILE C 240 17.65 -11.36 -14.01
N CYS C 241 17.82 -12.27 -13.08
CA CYS C 241 17.19 -12.15 -11.75
C CYS C 241 17.65 -10.88 -11.05
N GLN C 242 18.92 -10.55 -11.21
CA GLN C 242 19.49 -9.40 -10.52
C GLN C 242 18.86 -8.09 -10.97
N MET C 243 18.37 -8.04 -12.21
CA MET C 243 17.73 -6.81 -12.72
C MET C 243 16.47 -6.43 -11.95
N PHE C 244 15.87 -7.39 -11.26
CA PHE C 244 14.66 -7.17 -10.45
C PHE C 244 14.98 -6.48 -9.11
N HIS C 245 16.26 -6.35 -8.74
CA HIS C 245 16.67 -5.94 -7.38
C HIS C 245 17.34 -4.61 -7.31
N THR C 246 17.26 -3.99 -6.15
CA THR C 246 17.99 -2.78 -5.86
CA THR C 246 18.03 -2.77 -5.87
C THR C 246 19.39 -3.09 -5.31
N LEU C 247 19.51 -4.15 -4.50
CA LEU C 247 20.81 -4.65 -4.11
C LEU C 247 21.37 -5.51 -5.27
N PRO C 248 22.67 -5.42 -5.54
CA PRO C 248 23.24 -6.14 -6.69
C PRO C 248 23.53 -7.61 -6.36
N ILE C 249 22.46 -8.36 -6.19
CA ILE C 249 22.50 -9.83 -5.98
C ILE C 249 21.43 -10.47 -6.86
N PRO C 250 21.62 -11.73 -7.26
CA PRO C 250 20.65 -12.39 -8.12
C PRO C 250 19.45 -13.01 -7.39
N TRP C 251 19.63 -13.37 -6.12
CA TRP C 251 18.61 -14.09 -5.33
C TRP C 251 19.06 -14.07 -3.90
N VAL C 252 18.12 -14.34 -3.01
CA VAL C 252 18.44 -14.52 -1.61
C VAL C 252 18.56 -16.00 -1.33
N GLU C 253 19.04 -16.34 -0.15
CA GLU C 253 19.22 -17.74 0.24
CA GLU C 253 19.19 -17.74 0.25
C GLU C 253 18.10 -18.13 1.21
N PRO C 254 17.86 -19.44 1.37
CA PRO C 254 16.83 -19.85 2.31
C PRO C 254 17.04 -19.27 3.71
N ILE C 255 18.30 -19.16 4.15
CA ILE C 255 18.56 -18.63 5.48
C ILE C 255 18.04 -17.19 5.64
N ASP C 256 18.07 -16.41 4.57
CA ASP C 256 17.54 -15.05 4.65
C ASP C 256 16.05 -15.04 5.00
N ILE C 257 15.29 -15.98 4.43
CA ILE C 257 13.89 -16.08 4.75
C ILE C 257 13.71 -16.62 6.18
N SER C 258 14.50 -17.63 6.53
CA SER C 258 14.44 -18.19 7.88
C SER C 258 14.77 -17.18 8.97
N ASN C 259 15.68 -16.27 8.70
CA ASN C 259 16.00 -15.26 9.70
C ASN C 259 14.83 -14.30 9.95
N ALA C 260 14.06 -13.99 8.90
CA ALA C 260 12.83 -13.19 9.07
C ALA C 260 11.75 -13.97 9.81
N VAL C 261 11.60 -15.25 9.45
CA VAL C 261 10.63 -16.12 10.14
C VAL C 261 10.99 -16.19 11.62
N LEU C 262 12.28 -16.41 11.91
CA LEU C 262 12.77 -16.45 13.30
C LEU C 262 12.43 -15.16 14.06
N PHE C 263 12.67 -14.00 13.42
CA PHE C 263 12.36 -12.72 14.07
C PHE C 263 10.87 -12.68 14.45
N PHE C 264 9.98 -13.00 13.50
CA PHE C 264 8.56 -12.93 13.75
C PHE C 264 8.14 -13.95 14.79
N ALA C 265 8.78 -15.12 14.78
CA ALA C 265 8.44 -16.20 15.74
C ALA C 265 8.85 -15.90 17.16
N SER C 266 9.89 -15.09 17.31
CA SER C 266 10.49 -14.80 18.59
C SER C 266 9.71 -13.76 19.41
N ASP C 267 9.94 -13.75 20.72
CA ASP C 267 9.41 -12.69 21.57
C ASP C 267 9.92 -11.30 21.23
N GLU C 268 11.00 -11.19 20.46
CA GLU C 268 11.47 -9.88 20.03
C GLU C 268 10.48 -9.22 19.08
N ALA C 269 9.54 -9.99 18.52
CA ALA C 269 8.49 -9.43 17.67
C ALA C 269 7.10 -9.62 18.28
N ARG C 270 7.03 -9.61 19.60
CA ARG C 270 5.84 -9.90 20.36
C ARG C 270 4.65 -9.03 20.01
N TYR C 271 4.89 -7.80 19.57
CA TYR C 271 3.77 -6.87 19.30
C TYR C 271 3.67 -6.50 17.82
N ILE C 272 4.31 -7.32 16.98
CA ILE C 272 4.28 -7.14 15.51
C ILE C 272 3.27 -8.10 14.93
N THR C 273 2.21 -7.53 14.39
CA THR C 273 1.15 -8.31 13.75
C THR C 273 0.56 -7.56 12.58
N GLY C 274 0.11 -8.29 11.56
CA GLY C 274 -0.51 -7.68 10.39
C GLY C 274 0.42 -7.21 9.31
N VAL C 275 1.71 -7.56 9.39
CA VAL C 275 2.74 -7.01 8.50
C VAL C 275 3.00 -7.89 7.29
N THR C 276 3.16 -7.25 6.14
CA THR C 276 3.71 -7.89 4.94
C THR C 276 5.20 -7.52 4.86
N LEU C 277 6.10 -8.48 5.10
CA LEU C 277 7.54 -8.21 5.14
C LEU C 277 8.23 -8.76 3.91
N PRO C 278 8.62 -7.89 2.98
CA PRO C 278 9.49 -8.37 1.87
C PRO C 278 10.89 -8.69 2.34
N ILE C 279 11.42 -9.81 1.88
CA ILE C 279 12.86 -10.10 1.96
C ILE C 279 13.25 -10.22 0.50
N ASP C 280 13.46 -9.07 -0.11
CA ASP C 280 13.36 -8.98 -1.58
C ASP C 280 14.44 -8.20 -2.25
N ALA C 281 15.50 -7.85 -1.52
CA ALA C 281 16.62 -7.14 -2.08
C ALA C 281 16.19 -5.87 -2.81
N GLY C 282 15.08 -5.30 -2.37
CA GLY C 282 14.59 -4.05 -2.92
C GLY C 282 13.72 -4.18 -4.18
N SER C 283 13.27 -5.41 -4.49
CA SER C 283 12.36 -5.61 -5.65
CA SER C 283 12.34 -5.64 -5.63
C SER C 283 11.14 -4.69 -5.60
N CYS C 284 10.58 -4.50 -4.42
CA CYS C 284 9.34 -3.70 -4.32
C CYS C 284 9.60 -2.20 -4.33
N LEU C 285 10.86 -1.77 -4.41
CA LEU C 285 11.14 -0.36 -4.65
C LEU C 285 11.08 0.00 -6.12
N LYS C 286 11.03 -1.02 -6.99
CA LYS C 286 11.04 -0.78 -8.41
C LYS C 286 9.66 -0.55 -8.96
N THR D 6 -23.30 12.92 -27.41
CA THR D 6 -22.55 11.63 -27.37
C THR D 6 -22.30 11.14 -25.94
N GLY D 7 -22.67 9.90 -25.67
CA GLY D 7 -22.41 9.30 -24.37
C GLY D 7 -20.93 9.00 -24.16
N ARG D 8 -20.54 8.86 -22.90
CA ARG D 8 -19.16 8.63 -22.57
C ARG D 8 -18.62 7.27 -22.95
N VAL D 9 -19.50 6.32 -23.28
CA VAL D 9 -19.08 5.03 -23.82
C VAL D 9 -19.83 4.70 -25.11
N GLU D 10 -20.12 5.74 -25.89
CA GLU D 10 -20.90 5.60 -27.11
C GLU D 10 -20.28 4.60 -28.07
N GLY D 11 -21.10 3.69 -28.57
CA GLY D 11 -20.65 2.71 -29.54
C GLY D 11 -19.88 1.50 -28.99
N LYS D 12 -19.69 1.45 -27.68
CA LYS D 12 -18.99 0.33 -27.05
CA LYS D 12 -18.96 0.34 -27.04
C LYS D 12 -19.92 -0.77 -26.62
N VAL D 13 -19.37 -1.93 -26.35
CA VAL D 13 -20.12 -3.07 -25.78
C VAL D 13 -19.46 -3.45 -24.47
N ALA D 14 -20.30 -3.63 -23.43
CA ALA D 14 -19.83 -4.00 -22.11
C ALA D 14 -20.43 -5.36 -21.71
N PHE D 15 -19.58 -6.23 -21.20
CA PHE D 15 -19.92 -7.53 -20.63
C PHE D 15 -19.92 -7.37 -19.11
N VAL D 16 -21.09 -7.53 -18.49
CA VAL D 16 -21.29 -7.34 -17.04
C VAL D 16 -21.79 -8.63 -16.42
N THR D 17 -21.09 -9.17 -15.43
CA THR D 17 -21.59 -10.31 -14.66
C THR D 17 -22.29 -9.84 -13.41
N GLY D 18 -23.13 -10.70 -12.88
CA GLY D 18 -23.99 -10.34 -11.78
C GLY D 18 -24.96 -9.22 -12.09
N ALA D 19 -25.48 -9.21 -13.33
CA ALA D 19 -26.29 -8.10 -13.85
C ALA D 19 -27.77 -8.16 -13.48
N ALA D 20 -28.19 -9.18 -12.74
CA ALA D 20 -29.63 -9.34 -12.48
C ALA D 20 -30.19 -8.26 -11.55
N ARG D 21 -29.34 -7.70 -10.70
CA ARG D 21 -29.80 -6.74 -9.71
C ARG D 21 -28.62 -6.01 -9.11
N GLY D 22 -28.89 -5.16 -8.13
CA GLY D 22 -27.82 -4.57 -7.37
C GLY D 22 -26.84 -3.77 -8.20
N GLN D 23 -25.55 -3.91 -7.89
CA GLN D 23 -24.54 -3.12 -8.59
C GLN D 23 -24.46 -3.50 -10.04
N GLY D 24 -24.57 -4.81 -10.35
CA GLY D 24 -24.47 -5.24 -11.74
C GLY D 24 -25.57 -4.66 -12.61
N ARG D 25 -26.80 -4.66 -12.10
CA ARG D 25 -27.91 -4.01 -12.81
C ARG D 25 -27.56 -2.55 -13.04
N SER D 26 -27.11 -1.87 -11.99
CA SER D 26 -26.76 -0.47 -12.08
C SER D 26 -25.69 -0.22 -13.12
N HIS D 27 -24.69 -1.09 -13.20
CA HIS D 27 -23.63 -0.94 -14.18
C HIS D 27 -24.18 -1.04 -15.56
N ALA D 28 -25.00 -2.07 -15.81
CA ALA D 28 -25.58 -2.25 -17.10
C ALA D 28 -26.39 -1.05 -17.54
N VAL D 29 -27.23 -0.52 -16.63
CA VAL D 29 -28.09 0.59 -16.95
C VAL D 29 -27.30 1.87 -17.16
N ARG D 30 -26.32 2.13 -16.28
CA ARG D 30 -25.50 3.33 -16.42
C ARG D 30 -24.67 3.34 -17.69
N LEU D 31 -24.04 2.22 -17.99
CA LEU D 31 -23.28 2.10 -19.23
C LEU D 31 -24.19 2.26 -20.47
N ALA D 32 -25.39 1.72 -20.41
CA ALA D 32 -26.38 1.88 -21.49
C ALA D 32 -26.79 3.35 -21.65
N GLN D 33 -27.02 4.01 -20.53
CA GLN D 33 -27.35 5.42 -20.56
C GLN D 33 -26.29 6.22 -21.28
N GLU D 34 -25.03 5.79 -21.16
CA GLU D 34 -23.90 6.48 -21.74
C GLU D 34 -23.47 5.88 -23.07
N GLY D 35 -24.35 5.06 -23.65
CA GLY D 35 -24.20 4.67 -25.06
C GLY D 35 -23.72 3.27 -25.39
N ALA D 36 -23.51 2.45 -24.37
CA ALA D 36 -22.98 1.08 -24.59
C ALA D 36 -24.12 0.09 -24.73
N ASP D 37 -23.95 -0.88 -25.61
CA ASP D 37 -24.79 -2.08 -25.59
C ASP D 37 -24.19 -3.07 -24.57
N ILE D 38 -25.00 -4.01 -24.09
CA ILE D 38 -24.66 -4.81 -22.91
C ILE D 38 -24.82 -6.33 -23.13
N ILE D 39 -23.81 -7.10 -22.72
CA ILE D 39 -23.92 -8.55 -22.54
C ILE D 39 -24.02 -8.78 -21.02
N ALA D 40 -25.19 -9.16 -20.57
CA ALA D 40 -25.53 -9.20 -19.16
C ALA D 40 -25.73 -10.63 -18.74
N VAL D 41 -24.93 -11.09 -17.82
CA VAL D 41 -25.05 -12.46 -17.32
C VAL D 41 -25.26 -12.52 -15.81
N ASP D 42 -26.01 -13.51 -15.40
CA ASP D 42 -26.24 -13.75 -13.97
C ASP D 42 -26.68 -15.19 -13.79
N ILE D 43 -26.38 -15.76 -12.65
CA ILE D 43 -26.72 -17.14 -12.37
C ILE D 43 -28.24 -17.31 -12.32
N CYS D 44 -28.93 -16.33 -11.76
CA CYS D 44 -30.39 -16.30 -11.71
C CYS D 44 -31.00 -17.51 -11.01
N LYS D 45 -30.27 -18.08 -10.05
CA LYS D 45 -30.67 -19.30 -9.33
C LYS D 45 -29.99 -19.22 -7.97
N PRO D 46 -30.46 -20.01 -6.99
CA PRO D 46 -29.64 -20.14 -5.79
C PRO D 46 -28.26 -20.68 -6.11
N ILE D 47 -27.30 -20.22 -5.33
CA ILE D 47 -25.90 -20.57 -5.47
C ILE D 47 -25.60 -22.04 -5.23
N ARG D 48 -26.30 -22.62 -4.26
CA ARG D 48 -26.06 -23.98 -3.85
C ARG D 48 -27.37 -24.73 -4.11
N ALA D 49 -27.31 -25.76 -4.95
CA ALA D 49 -28.49 -26.35 -5.60
C ALA D 49 -29.66 -26.63 -4.64
N GLY D 50 -29.42 -27.37 -3.58
CA GLY D 50 -30.51 -27.76 -2.69
C GLY D 50 -30.92 -26.73 -1.65
N VAL D 51 -30.45 -25.48 -1.79
CA VAL D 51 -30.39 -24.55 -0.65
C VAL D 51 -30.92 -23.14 -0.95
N VAL D 52 -31.96 -22.75 -0.23
CA VAL D 52 -32.47 -21.39 -0.32
C VAL D 52 -32.40 -20.69 1.06
N ASP D 53 -31.95 -21.41 2.11
CA ASP D 53 -31.78 -20.84 3.46
C ASP D 53 -30.45 -20.08 3.57
N THR D 54 -30.38 -18.93 2.89
CA THR D 54 -29.21 -18.05 2.90
C THR D 54 -29.63 -16.68 3.40
N ALA D 55 -28.72 -15.95 4.05
CA ALA D 55 -29.08 -14.61 4.51
C ALA D 55 -29.34 -13.70 3.28
N ILE D 56 -28.48 -13.84 2.28
CA ILE D 56 -28.58 -13.05 1.05
C ILE D 56 -29.51 -13.79 0.08
N PRO D 57 -30.60 -13.15 -0.32
CA PRO D 57 -31.52 -13.88 -1.21
C PRO D 57 -30.89 -14.11 -2.61
N ALA D 58 -31.24 -15.21 -3.24
CA ALA D 58 -30.84 -15.49 -4.61
C ALA D 58 -31.47 -14.48 -5.61
N SER D 59 -30.85 -14.32 -6.77
CA SER D 59 -31.51 -13.60 -7.87
CA SER D 59 -31.49 -13.59 -7.88
C SER D 59 -32.35 -14.55 -8.71
N THR D 60 -33.19 -13.97 -9.55
CA THR D 60 -34.09 -14.76 -10.37
C THR D 60 -33.95 -14.37 -11.83
N PRO D 61 -34.47 -15.22 -12.72
CA PRO D 61 -34.53 -14.84 -14.14
C PRO D 61 -35.28 -13.54 -14.36
N GLU D 62 -36.37 -13.33 -13.62
CA GLU D 62 -37.12 -12.12 -13.78
C GLU D 62 -36.32 -10.89 -13.38
N ASP D 63 -35.44 -11.00 -12.37
CA ASP D 63 -34.58 -9.87 -12.05
C ASP D 63 -33.76 -9.47 -13.29
N LEU D 64 -33.21 -10.47 -13.96
CA LEU D 64 -32.37 -10.18 -15.15
C LEU D 64 -33.21 -9.59 -16.28
N ALA D 65 -34.43 -10.08 -16.46
CA ALA D 65 -35.34 -9.49 -17.45
C ALA D 65 -35.64 -8.02 -17.16
N GLU D 66 -35.75 -7.67 -15.86
CA GLU D 66 -35.97 -6.31 -15.45
C GLU D 66 -34.78 -5.42 -15.77
N THR D 67 -33.56 -5.91 -15.52
CA THR D 67 -32.37 -5.22 -16.01
C THR D 67 -32.45 -4.95 -17.51
N ALA D 68 -32.83 -5.96 -18.26
CA ALA D 68 -32.90 -5.83 -19.72
C ALA D 68 -33.91 -4.76 -20.13
N ASP D 69 -35.07 -4.73 -19.49
CA ASP D 69 -36.03 -3.69 -19.75
C ASP D 69 -35.51 -2.29 -19.47
N LEU D 70 -34.73 -2.13 -18.40
CA LEU D 70 -34.15 -0.84 -18.09
C LEU D 70 -33.15 -0.43 -19.15
N VAL D 71 -32.30 -1.34 -19.57
CA VAL D 71 -31.33 -1.05 -20.65
C VAL D 71 -32.02 -0.69 -21.96
N LYS D 72 -33.04 -1.43 -22.31
CA LYS D 72 -33.82 -1.13 -23.53
C LYS D 72 -34.49 0.20 -23.46
N GLY D 73 -34.83 0.63 -22.26
CA GLY D 73 -35.42 1.94 -22.03
C GLY D 73 -34.49 3.08 -22.39
N HIS D 74 -33.18 2.81 -22.41
CA HIS D 74 -32.20 3.78 -22.90
C HIS D 74 -31.89 3.60 -24.38
N ASN D 75 -32.72 2.84 -25.08
CA ASN D 75 -32.59 2.62 -26.52
CA ASN D 75 -32.59 2.63 -26.52
C ASN D 75 -31.29 1.93 -26.89
N ARG D 76 -30.84 1.03 -26.02
CA ARG D 76 -29.66 0.22 -26.28
C ARG D 76 -30.04 -1.22 -26.37
N ARG D 77 -29.14 -2.01 -26.94
CA ARG D 77 -29.33 -3.44 -27.08
C ARG D 77 -28.73 -4.18 -25.91
N ILE D 78 -29.31 -5.32 -25.60
CA ILE D 78 -28.82 -6.16 -24.53
C ILE D 78 -29.02 -7.61 -24.89
N VAL D 79 -28.00 -8.41 -24.61
CA VAL D 79 -28.05 -9.86 -24.68
C VAL D 79 -27.96 -10.35 -23.25
N THR D 80 -28.91 -11.19 -22.82
CA THR D 80 -28.86 -11.73 -21.47
C THR D 80 -28.60 -13.22 -21.52
N ALA D 81 -27.96 -13.72 -20.48
CA ALA D 81 -27.72 -15.13 -20.34
C ALA D 81 -27.77 -15.51 -18.89
N GLU D 82 -28.43 -16.62 -18.62
CA GLU D 82 -28.49 -17.20 -17.29
C GLU D 82 -27.40 -18.25 -17.18
N VAL D 83 -26.30 -17.87 -16.54
CA VAL D 83 -25.09 -18.69 -16.51
C VAL D 83 -24.32 -18.44 -15.21
N ASP D 84 -23.80 -19.51 -14.65
CA ASP D 84 -22.93 -19.47 -13.47
C ASP D 84 -21.51 -19.22 -13.94
N VAL D 85 -20.88 -18.19 -13.38
CA VAL D 85 -19.48 -17.86 -13.76
C VAL D 85 -18.49 -18.98 -13.38
N ARG D 86 -18.90 -19.94 -12.54
CA ARG D 86 -18.07 -21.11 -12.29
C ARG D 86 -18.01 -22.08 -13.49
N ASP D 87 -19.04 -22.06 -14.34
CA ASP D 87 -19.11 -22.97 -15.47
CA ASP D 87 -19.14 -22.97 -15.46
C ASP D 87 -18.46 -22.32 -16.68
N TYR D 88 -17.16 -22.50 -16.80
CA TYR D 88 -16.40 -21.74 -17.80
C TYR D 88 -16.92 -22.00 -19.23
N ASP D 89 -17.17 -23.26 -19.54
CA ASP D 89 -17.57 -23.56 -20.95
C ASP D 89 -18.91 -22.89 -21.28
N ALA D 90 -19.84 -22.92 -20.33
CA ALA D 90 -21.11 -22.24 -20.54
C ALA D 90 -20.94 -20.74 -20.61
N LEU D 91 -20.08 -20.18 -19.74
CA LEU D 91 -19.87 -18.75 -19.73
C LEU D 91 -19.26 -18.27 -21.03
N LYS D 92 -18.26 -19.00 -21.50
CA LYS D 92 -17.62 -18.68 -22.74
C LYS D 92 -18.58 -18.78 -23.93
N ALA D 93 -19.44 -19.79 -23.93
CA ALA D 93 -20.43 -19.95 -25.01
C ALA D 93 -21.36 -18.71 -25.00
N ALA D 94 -21.76 -18.27 -23.81
CA ALA D 94 -22.68 -17.12 -23.67
C ALA D 94 -22.02 -15.84 -24.16
N VAL D 95 -20.76 -15.65 -23.81
CA VAL D 95 -20.05 -14.43 -24.21
C VAL D 95 -19.83 -14.48 -25.73
N ASP D 96 -19.43 -15.64 -26.24
CA ASP D 96 -19.19 -15.78 -27.66
C ASP D 96 -20.45 -15.34 -28.42
N SER D 97 -21.61 -15.82 -27.96
CA SER D 97 -22.86 -15.51 -28.65
C SER D 97 -23.20 -14.02 -28.52
N GLY D 98 -22.95 -13.45 -27.34
CA GLY D 98 -23.16 -12.03 -27.13
C GLY D 98 -22.33 -11.15 -28.04
N VAL D 99 -21.06 -11.50 -28.23
CA VAL D 99 -20.22 -10.75 -29.12
C VAL D 99 -20.63 -10.94 -30.60
N GLU D 100 -21.08 -12.14 -30.97
CA GLU D 100 -21.69 -12.31 -32.29
C GLU D 100 -22.80 -11.33 -32.49
N GLN D 101 -23.68 -11.24 -31.53
CA GLN D 101 -24.86 -10.41 -31.67
C GLN D 101 -24.58 -8.92 -31.66
N LEU D 102 -23.63 -8.50 -30.85
CA LEU D 102 -23.41 -7.05 -30.62
C LEU D 102 -22.23 -6.48 -31.36
N GLY D 103 -21.34 -7.35 -31.87
CA GLY D 103 -20.31 -6.97 -32.81
C GLY D 103 -18.90 -6.69 -32.29
N ARG D 104 -18.73 -6.61 -30.98
CA ARG D 104 -17.47 -6.24 -30.36
C ARG D 104 -17.57 -6.44 -28.87
N LEU D 105 -16.44 -6.33 -28.18
CA LEU D 105 -16.43 -6.29 -26.73
C LEU D 105 -15.31 -5.33 -26.27
N ASP D 106 -15.69 -4.25 -25.60
CA ASP D 106 -14.75 -3.22 -25.18
C ASP D 106 -14.52 -3.08 -23.70
N ILE D 107 -15.50 -3.53 -22.90
CA ILE D 107 -15.51 -3.31 -21.47
C ILE D 107 -15.94 -4.63 -20.79
N ILE D 108 -15.23 -5.02 -19.75
CA ILE D 108 -15.64 -6.16 -18.92
C ILE D 108 -15.79 -5.66 -17.52
N VAL D 109 -16.91 -6.00 -16.88
CA VAL D 109 -17.16 -5.65 -15.48
C VAL D 109 -17.46 -6.94 -14.71
N ALA D 110 -16.48 -7.45 -14.01
CA ALA D 110 -16.54 -8.72 -13.29
C ALA D 110 -17.05 -8.44 -11.89
N ASN D 111 -18.38 -8.38 -11.82
CA ASN D 111 -19.11 -7.94 -10.64
C ASN D 111 -19.80 -9.03 -9.82
N ALA D 112 -20.14 -10.16 -10.44
CA ALA D 112 -20.83 -11.29 -9.75
C ALA D 112 -20.08 -11.67 -8.52
N GLY D 113 -20.79 -11.80 -7.41
CA GLY D 113 -20.16 -12.22 -6.19
C GLY D 113 -21.21 -12.58 -5.16
N ILE D 114 -20.74 -13.27 -4.12
CA ILE D 114 -21.58 -13.78 -3.05
C ILE D 114 -21.04 -13.41 -1.67
N GLY D 115 -21.90 -13.56 -0.69
CA GLY D 115 -21.54 -13.86 0.70
C GLY D 115 -22.00 -15.23 1.14
N ASN D 116 -21.27 -15.83 2.06
CA ASN D 116 -21.73 -17.03 2.73
C ASN D 116 -21.02 -17.13 4.07
N GLY D 117 -21.31 -18.19 4.81
CA GLY D 117 -20.56 -18.41 6.03
C GLY D 117 -20.81 -17.36 7.09
N GLY D 118 -19.74 -16.97 7.79
CA GLY D 118 -19.83 -16.01 8.89
C GLY D 118 -19.16 -16.47 10.17
N ASP D 119 -18.53 -17.65 10.13
CA ASP D 119 -17.73 -18.12 11.26
C ASP D 119 -16.37 -17.42 11.22
N THR D 120 -15.62 -17.53 12.30
CA THR D 120 -14.21 -17.15 12.22
C THR D 120 -13.50 -18.03 11.19
N LEU D 121 -12.38 -17.56 10.70
CA LEU D 121 -11.73 -18.24 9.60
C LEU D 121 -11.19 -19.60 10.00
N ASP D 122 -10.79 -19.76 11.28
CA ASP D 122 -10.39 -21.05 11.80
C ASP D 122 -11.52 -22.06 11.97
N LYS D 123 -12.76 -21.60 11.89
CA LYS D 123 -13.95 -22.43 12.08
C LYS D 123 -14.81 -22.46 10.81
N THR D 124 -14.29 -21.93 9.72
CA THR D 124 -15.02 -21.89 8.46
C THR D 124 -14.98 -23.25 7.79
N SER D 125 -16.13 -23.71 7.27
CA SER D 125 -16.15 -24.99 6.62
C SER D 125 -15.47 -24.96 5.28
N GLU D 126 -14.94 -26.09 4.87
CA GLU D 126 -14.37 -26.19 3.55
C GLU D 126 -15.45 -25.96 2.45
N GLU D 127 -16.69 -26.34 2.71
CA GLU D 127 -17.76 -26.07 1.77
C GLU D 127 -17.96 -24.56 1.55
N ASP D 128 -18.03 -23.80 2.62
CA ASP D 128 -18.23 -22.37 2.51
C ASP D 128 -16.98 -21.70 1.86
N TRP D 129 -15.80 -22.09 2.33
CA TRP D 129 -14.57 -21.61 1.74
C TRP D 129 -14.54 -21.81 0.25
N THR D 130 -14.83 -23.05 -0.19
CA THR D 130 -14.64 -23.43 -1.57
C THR D 130 -15.62 -22.68 -2.47
N GLU D 131 -16.87 -22.59 -2.05
CA GLU D 131 -17.87 -21.85 -2.80
C GLU D 131 -17.47 -20.39 -2.95
N MET D 132 -16.96 -19.82 -1.87
CA MET D 132 -16.53 -18.43 -1.87
C MET D 132 -15.36 -18.18 -2.84
N ILE D 133 -14.31 -18.97 -2.75
CA ILE D 133 -13.18 -18.84 -3.69
C ILE D 133 -13.64 -19.13 -5.10
N ASP D 134 -14.47 -20.16 -5.29
CA ASP D 134 -14.92 -20.55 -6.64
C ASP D 134 -15.65 -19.40 -7.37
N ILE D 135 -16.50 -18.66 -6.65
CA ILE D 135 -17.24 -17.58 -7.26
C ILE D 135 -16.49 -16.24 -7.24
N ASN D 136 -16.03 -15.83 -6.06
CA ASN D 136 -15.52 -14.49 -5.88
C ASN D 136 -14.07 -14.29 -6.33
N LEU D 137 -13.34 -15.38 -6.53
CA LEU D 137 -11.99 -15.32 -7.06
C LEU D 137 -11.92 -16.01 -8.41
N ALA D 138 -12.17 -17.34 -8.45
CA ALA D 138 -12.07 -18.08 -9.71
C ALA D 138 -13.11 -17.66 -10.75
N GLY D 139 -14.28 -17.22 -10.29
CA GLY D 139 -15.33 -16.72 -11.17
C GLY D 139 -14.93 -15.42 -11.84
N VAL D 140 -14.18 -14.60 -11.14
CA VAL D 140 -13.68 -13.36 -11.71
C VAL D 140 -12.61 -13.68 -12.78
N TRP D 141 -11.71 -14.59 -12.46
CA TRP D 141 -10.74 -15.08 -13.44
C TRP D 141 -11.41 -15.63 -14.68
N LYS D 142 -12.41 -16.48 -14.51
CA LYS D 142 -13.14 -17.06 -15.63
C LYS D 142 -13.86 -16.00 -16.48
N THR D 143 -14.40 -14.99 -15.83
CA THR D 143 -15.08 -13.90 -16.51
C THR D 143 -14.13 -13.18 -17.45
N VAL D 144 -12.93 -12.81 -16.94
CA VAL D 144 -11.96 -12.14 -17.82
C VAL D 144 -11.47 -13.07 -18.91
N LYS D 145 -11.16 -14.30 -18.54
CA LYS D 145 -10.70 -15.30 -19.50
C LYS D 145 -11.67 -15.47 -20.65
N ALA D 146 -12.98 -15.49 -20.33
CA ALA D 146 -14.01 -15.66 -21.39
C ALA D 146 -14.10 -14.44 -22.30
N GLY D 147 -14.01 -13.26 -21.74
CA GLY D 147 -14.25 -12.04 -22.50
C GLY D 147 -13.07 -11.50 -23.23
N VAL D 148 -11.91 -11.60 -22.62
CA VAL D 148 -10.77 -10.88 -23.16
C VAL D 148 -10.31 -11.27 -24.58
N PRO D 149 -10.47 -12.53 -25.02
CA PRO D 149 -10.08 -12.75 -26.41
C PRO D 149 -10.80 -11.87 -27.40
N HIS D 150 -12.08 -11.60 -27.11
CA HIS D 150 -12.87 -10.76 -27.98
C HIS D 150 -12.40 -9.34 -27.97
N MET D 151 -11.92 -8.88 -26.82
CA MET D 151 -11.39 -7.55 -26.73
C MET D 151 -10.02 -7.42 -27.45
N ILE D 152 -9.15 -8.39 -27.25
CA ILE D 152 -7.87 -8.42 -27.91
C ILE D 152 -8.05 -8.48 -29.43
N ALA D 153 -8.94 -9.36 -29.87
CA ALA D 153 -9.14 -9.56 -31.30
C ALA D 153 -9.76 -8.36 -31.99
N GLY D 154 -10.49 -7.53 -31.26
CA GLY D 154 -11.00 -6.28 -31.81
C GLY D 154 -9.94 -5.29 -32.22
N GLY D 155 -8.80 -5.31 -31.54
CA GLY D 155 -7.70 -4.41 -31.88
C GLY D 155 -7.93 -2.95 -31.57
N ARG D 156 -8.85 -2.66 -30.64
CA ARG D 156 -9.19 -1.28 -30.31
C ARG D 156 -8.85 -0.96 -28.85
N GLY D 157 -8.18 -1.89 -28.16
CA GLY D 157 -7.95 -1.71 -26.73
C GLY D 157 -9.24 -1.96 -25.99
N GLY D 158 -9.25 -1.63 -24.69
CA GLY D 158 -10.43 -1.86 -23.88
C GLY D 158 -10.16 -1.61 -22.43
N SER D 159 -11.17 -1.91 -21.61
CA SER D 159 -11.11 -1.62 -20.18
C SER D 159 -11.79 -2.72 -19.41
N ILE D 160 -11.10 -3.23 -18.40
CA ILE D 160 -11.58 -4.32 -17.54
C ILE D 160 -11.62 -3.83 -16.12
N ILE D 161 -12.80 -3.92 -15.49
CA ILE D 161 -13.00 -3.53 -14.11
C ILE D 161 -13.38 -4.74 -13.32
N LEU D 162 -12.65 -5.03 -12.28
CA LEU D 162 -12.93 -6.13 -11.37
C LEU D 162 -13.53 -5.58 -10.11
N THR D 163 -14.62 -6.16 -9.63
CA THR D 163 -15.16 -5.75 -8.32
C THR D 163 -14.53 -6.49 -7.18
N SER D 164 -13.71 -5.80 -6.41
CA SER D 164 -13.19 -6.33 -5.17
C SER D 164 -14.10 -5.83 -4.05
N SER D 165 -13.54 -5.17 -3.04
CA SER D 165 -14.25 -4.72 -1.87
C SER D 165 -13.25 -3.98 -1.02
N VAL D 166 -13.72 -3.20 -0.07
CA VAL D 166 -12.87 -2.78 1.06
C VAL D 166 -12.20 -4.04 1.66
N GLY D 167 -12.91 -5.16 1.63
CA GLY D 167 -12.40 -6.42 2.11
C GLY D 167 -11.28 -7.02 1.27
N GLY D 168 -11.02 -6.43 0.10
CA GLY D 168 -9.81 -6.75 -0.66
C GLY D 168 -8.58 -5.94 -0.28
N LEU D 169 -8.76 -5.02 0.68
CA LEU D 169 -7.68 -4.14 1.17
C LEU D 169 -7.47 -4.23 2.67
N LYS D 170 -8.50 -4.62 3.40
CA LYS D 170 -8.42 -4.76 4.84
C LYS D 170 -9.44 -5.81 5.31
N ALA D 171 -9.20 -6.38 6.47
CA ALA D 171 -10.01 -7.50 6.95
C ALA D 171 -10.98 -7.04 8.01
N TYR D 172 -11.98 -7.85 8.25
CA TYR D 172 -12.92 -7.63 9.36
C TYR D 172 -13.34 -9.00 9.87
N PRO D 173 -13.46 -9.14 11.20
CA PRO D 173 -13.83 -10.45 11.72
C PRO D 173 -15.08 -11.04 11.09
N HIS D 174 -15.06 -12.37 10.93
CA HIS D 174 -16.16 -13.15 10.41
C HIS D 174 -16.37 -13.00 8.93
N THR D 175 -15.39 -12.42 8.23
CA THR D 175 -15.48 -12.30 6.77
C THR D 175 -14.22 -12.84 6.07
N GLY D 176 -13.45 -13.67 6.76
CA GLY D 176 -12.09 -13.98 6.31
C GLY D 176 -11.94 -14.67 4.98
N HIS D 177 -12.89 -15.57 4.67
CA HIS D 177 -12.82 -16.28 3.37
C HIS D 177 -13.12 -15.33 2.24
N TYR D 178 -14.09 -14.44 2.47
CA TYR D 178 -14.41 -13.39 1.51
C TYR D 178 -13.25 -12.44 1.32
N VAL D 179 -12.60 -12.07 2.42
CA VAL D 179 -11.42 -11.24 2.36
C VAL D 179 -10.29 -11.89 1.58
N ALA D 180 -10.07 -13.18 1.77
CA ALA D 180 -9.04 -13.86 0.99
C ALA D 180 -9.37 -13.79 -0.50
N ALA D 181 -10.62 -14.10 -0.87
CA ALA D 181 -11.01 -14.05 -2.26
C ALA D 181 -10.81 -12.63 -2.81
N LYS D 182 -11.27 -11.64 -2.05
CA LYS D 182 -11.25 -10.25 -2.57
C LYS D 182 -9.83 -9.68 -2.68
N HIS D 183 -8.92 -10.14 -1.81
CA HIS D 183 -7.51 -9.82 -1.96
C HIS D 183 -6.98 -10.53 -3.20
N GLY D 184 -7.38 -11.78 -3.44
CA GLY D 184 -6.98 -12.48 -4.69
C GLY D 184 -7.40 -11.71 -5.94
N VAL D 185 -8.55 -11.03 -5.88
CA VAL D 185 -9.03 -10.24 -6.99
C VAL D 185 -8.07 -9.08 -7.31
N VAL D 186 -7.46 -8.46 -6.28
CA VAL D 186 -6.41 -7.42 -6.49
C VAL D 186 -5.22 -8.04 -7.27
N GLY D 187 -4.84 -9.28 -6.89
CA GLY D 187 -3.81 -9.99 -7.63
C GLY D 187 -4.20 -10.24 -9.10
N LEU D 188 -5.44 -10.62 -9.35
CA LEU D 188 -5.91 -10.77 -10.72
C LEU D 188 -5.82 -9.48 -11.50
N MET D 189 -6.18 -8.40 -10.84
CA MET D 189 -6.17 -7.08 -11.48
C MET D 189 -4.77 -6.72 -11.90
N ARG D 190 -3.81 -6.95 -11.02
CA ARG D 190 -2.40 -6.61 -11.31
C ARG D 190 -1.81 -7.52 -12.37
N ALA D 191 -2.13 -8.80 -12.27
CA ALA D 191 -1.66 -9.80 -13.23
C ALA D 191 -2.20 -9.59 -14.63
N PHE D 192 -3.50 -9.39 -14.74
CA PHE D 192 -4.07 -9.05 -16.04
C PHE D 192 -3.54 -7.69 -16.53
N GLY D 193 -3.37 -6.73 -15.62
CA GLY D 193 -2.87 -5.42 -16.00
C GLY D 193 -1.52 -5.53 -16.68
N VAL D 194 -0.59 -6.27 -16.08
CA VAL D 194 0.76 -6.36 -16.63
C VAL D 194 0.78 -7.12 -17.94
N GLU D 195 -0.12 -8.08 -18.10
CA GLU D 195 -0.18 -8.91 -19.32
C GLU D 195 -0.92 -8.27 -20.47
N LEU D 196 -1.95 -7.48 -20.17
CA LEU D 196 -2.83 -6.96 -21.22
C LEU D 196 -2.49 -5.54 -21.66
N GLY D 197 -1.63 -4.84 -20.93
CA GLY D 197 -1.23 -3.47 -21.28
C GLY D 197 -0.70 -3.38 -22.71
N GLN D 198 -0.01 -4.42 -23.15
CA GLN D 198 0.54 -4.45 -24.51
C GLN D 198 -0.51 -4.29 -25.61
N HIS D 199 -1.74 -4.62 -25.28
CA HIS D 199 -2.89 -4.53 -26.20
C HIS D 199 -3.69 -3.24 -25.97
N MET D 200 -3.14 -2.31 -25.18
CA MET D 200 -3.87 -1.10 -24.75
C MET D 200 -5.17 -1.47 -24.03
N ILE D 201 -5.11 -2.54 -23.23
CA ILE D 201 -6.20 -2.93 -22.37
C ILE D 201 -5.82 -2.55 -20.96
N ARG D 202 -6.67 -1.74 -20.35
CA ARG D 202 -6.52 -1.32 -18.98
C ARG D 202 -7.27 -2.27 -18.05
N VAL D 203 -6.72 -2.49 -16.88
CA VAL D 203 -7.33 -3.34 -15.87
C VAL D 203 -7.24 -2.62 -14.53
N ASN D 204 -8.39 -2.48 -13.86
CA ASN D 204 -8.48 -1.79 -12.60
C ASN D 204 -9.53 -2.47 -11.74
N SER D 205 -9.47 -2.21 -10.46
CA SER D 205 -10.46 -2.78 -9.53
C SER D 205 -11.16 -1.68 -8.75
N VAL D 206 -12.45 -1.92 -8.44
CA VAL D 206 -13.24 -1.06 -7.56
C VAL D 206 -13.45 -1.76 -6.23
N HIS D 207 -13.40 -0.99 -5.15
CA HIS D 207 -13.46 -1.48 -3.81
C HIS D 207 -14.56 -0.77 -3.04
N PRO D 208 -15.78 -1.25 -3.16
CA PRO D 208 -16.89 -0.60 -2.42
C PRO D 208 -16.81 -0.84 -0.93
N THR D 209 -17.24 0.18 -0.16
CA THR D 209 -17.73 -0.06 1.19
C THR D 209 -19.13 -0.65 1.08
N HIS D 210 -19.85 -0.70 2.19
CA HIS D 210 -21.26 -1.11 2.16
C HIS D 210 -22.03 -0.41 1.06
N VAL D 211 -22.77 -1.20 0.27
CA VAL D 211 -23.59 -0.69 -0.84
C VAL D 211 -25.00 -1.14 -0.60
N LYS D 212 -25.96 -0.25 -0.83
CA LYS D 212 -27.38 -0.57 -0.64
C LYS D 212 -27.89 -1.47 -1.77
N THR D 213 -27.76 -2.78 -1.54
CA THR D 213 -28.24 -3.83 -2.43
C THR D 213 -28.74 -4.94 -1.51
N PRO D 214 -29.37 -6.00 -2.09
CA PRO D 214 -29.84 -7.08 -1.21
C PRO D 214 -28.75 -7.89 -0.55
N MET D 215 -27.49 -7.70 -0.97
CA MET D 215 -26.39 -8.30 -0.27
C MET D 215 -26.18 -7.70 1.13
N LEU D 216 -26.47 -6.42 1.27
CA LEU D 216 -26.38 -5.70 2.54
C LEU D 216 -27.73 -5.68 3.26
N HIS D 217 -28.78 -5.36 2.52
CA HIS D 217 -30.12 -5.08 3.10
C HIS D 217 -30.91 -6.34 3.06
N ASN D 218 -30.75 -7.16 4.09
CA ASN D 218 -31.54 -8.38 4.24
C ASN D 218 -31.75 -8.63 5.72
N GLU D 219 -32.78 -9.42 6.03
CA GLU D 219 -33.22 -9.63 7.41
C GLU D 219 -32.10 -10.15 8.28
N GLY D 220 -31.38 -11.16 7.79
CA GLY D 220 -30.29 -11.75 8.50
C GLY D 220 -29.22 -10.77 8.90
N THR D 221 -28.89 -9.87 7.97
CA THR D 221 -27.87 -8.90 8.19
C THR D 221 -28.34 -7.82 9.15
N PHE D 222 -29.57 -7.37 9.00
CA PHE D 222 -30.13 -6.38 9.95
C PHE D 222 -30.02 -6.89 11.37
N LYS D 223 -30.43 -8.14 11.57
CA LYS D 223 -30.40 -8.76 12.91
C LYS D 223 -28.98 -8.93 13.45
N MET D 224 -28.05 -9.26 12.57
CA MET D 224 -26.64 -9.35 12.96
C MET D 224 -26.02 -8.02 13.39
N PHE D 225 -26.34 -6.94 12.69
CA PHE D 225 -25.78 -5.61 12.99
C PHE D 225 -26.48 -5.03 14.26
N ARG D 226 -27.73 -5.44 14.52
CA ARG D 226 -28.53 -4.89 15.62
C ARG D 226 -29.19 -6.01 16.41
N PRO D 227 -28.36 -6.82 17.11
CA PRO D 227 -28.92 -7.93 17.90
C PRO D 227 -29.75 -7.43 19.09
N ASP D 228 -29.59 -6.16 19.44
CA ASP D 228 -30.36 -5.54 20.53
C ASP D 228 -31.84 -5.29 20.17
N LEU D 229 -32.20 -5.36 18.89
CA LEU D 229 -33.55 -5.10 18.45
C LEU D 229 -34.27 -6.37 18.00
N GLU D 230 -35.59 -6.34 18.10
CA GLU D 230 -36.40 -7.50 17.74
C GLU D 230 -36.65 -7.60 16.24
N ASN D 231 -36.94 -6.47 15.60
CA ASN D 231 -37.18 -6.45 14.16
C ASN D 231 -36.47 -5.26 13.50
N PRO D 232 -35.13 -5.28 13.51
CA PRO D 232 -34.38 -4.15 12.95
C PRO D 232 -34.53 -4.03 11.43
N GLY D 233 -34.53 -2.80 10.94
CA GLY D 233 -34.55 -2.54 9.50
C GLY D 233 -33.33 -1.74 9.13
N PRO D 234 -33.33 -1.24 7.91
CA PRO D 234 -32.18 -0.46 7.43
C PRO D 234 -31.84 0.77 8.29
N ASP D 235 -32.86 1.47 8.78
CA ASP D 235 -32.62 2.67 9.57
C ASP D 235 -31.86 2.35 10.86
N ASP D 236 -32.05 1.11 11.35
CA ASP D 236 -31.37 0.65 12.55
C ASP D 236 -29.94 0.19 12.33
N MET D 237 -29.68 -0.32 11.13
CA MET D 237 -28.34 -0.73 10.73
C MET D 237 -27.47 0.48 10.34
N ALA D 238 -28.12 1.55 9.86
CA ALA D 238 -27.40 2.73 9.32
C ALA D 238 -26.31 3.26 10.24
N PRO D 239 -26.61 3.52 11.52
CA PRO D 239 -25.56 4.08 12.39
C PRO D 239 -24.39 3.16 12.66
N ILE D 240 -24.59 1.85 12.55
CA ILE D 240 -23.50 0.90 12.76
C ILE D 240 -22.61 0.96 11.52
N CYS D 241 -23.20 0.89 10.35
CA CYS D 241 -22.40 0.98 9.08
C CYS D 241 -21.64 2.31 8.98
N GLN D 242 -22.26 3.38 9.46
CA GLN D 242 -21.67 4.71 9.37
C GLN D 242 -20.40 4.87 10.17
N MET D 243 -20.25 4.07 11.23
CA MET D 243 -19.08 4.11 12.08
C MET D 243 -17.81 3.72 11.30
N PHE D 244 -17.98 3.00 10.20
CA PHE D 244 -16.83 2.51 9.37
C PHE D 244 -16.32 3.61 8.44
N HIS D 245 -17.01 4.75 8.35
CA HIS D 245 -16.74 5.76 7.31
C HIS D 245 -16.21 7.04 7.83
N THR D 246 -15.48 7.76 7.00
CA THR D 246 -15.04 9.10 7.32
CA THR D 246 -15.05 9.15 7.33
C THR D 246 -16.11 10.17 6.95
N LEU D 247 -16.81 9.96 5.83
CA LEU D 247 -17.95 10.76 5.49
C LEU D 247 -19.15 10.24 6.30
N PRO D 248 -19.96 11.14 6.85
CA PRO D 248 -21.09 10.68 7.70
C PRO D 248 -22.30 10.16 6.88
N ILE D 249 -22.09 9.01 6.24
CA ILE D 249 -23.14 8.29 5.53
C ILE D 249 -23.05 6.81 5.92
N PRO D 250 -24.17 6.11 5.83
CA PRO D 250 -24.18 4.70 6.22
C PRO D 250 -23.73 3.72 5.16
N TRP D 251 -23.88 4.08 3.88
CA TRP D 251 -23.52 3.21 2.74
C TRP D 251 -23.55 4.02 1.52
N VAL D 252 -22.91 3.51 0.46
CA VAL D 252 -23.02 4.12 -0.86
C VAL D 252 -24.15 3.45 -1.62
N GLU D 253 -24.51 4.02 -2.75
CA GLU D 253 -25.55 3.47 -3.61
CA GLU D 253 -25.55 3.43 -3.59
C GLU D 253 -24.92 2.76 -4.80
N PRO D 254 -25.68 1.85 -5.45
CA PRO D 254 -25.14 1.22 -6.65
C PRO D 254 -24.62 2.25 -7.68
N ILE D 255 -25.31 3.38 -7.84
CA ILE D 255 -24.90 4.39 -8.80
C ILE D 255 -23.50 4.91 -8.51
N ASP D 256 -23.14 5.00 -7.24
CA ASP D 256 -21.79 5.48 -6.91
C ASP D 256 -20.75 4.50 -7.50
N ILE D 257 -20.98 3.21 -7.39
CA ILE D 257 -20.03 2.24 -7.98
C ILE D 257 -20.10 2.30 -9.50
N SER D 258 -21.29 2.42 -10.05
CA SER D 258 -21.43 2.53 -11.49
C SER D 258 -20.74 3.75 -12.07
N ASN D 259 -20.77 4.87 -11.35
CA ASN D 259 -20.07 6.06 -11.84
C ASN D 259 -18.54 5.89 -11.90
N ALA D 260 -17.98 5.13 -10.96
CA ALA D 260 -16.58 4.75 -11.01
C ALA D 260 -16.28 3.75 -12.13
N VAL D 261 -17.15 2.78 -12.32
CA VAL D 261 -17.03 1.84 -13.46
C VAL D 261 -17.06 2.58 -14.80
N LEU D 262 -18.02 3.51 -14.92
CA LEU D 262 -18.15 4.33 -16.12
C LEU D 262 -16.86 5.12 -16.39
N PHE D 263 -16.32 5.74 -15.37
CA PHE D 263 -15.07 6.50 -15.50
C PHE D 263 -13.98 5.61 -16.07
N PHE D 264 -13.78 4.43 -15.44
CA PHE D 264 -12.72 3.52 -15.89
C PHE D 264 -12.97 3.00 -17.30
N ALA D 265 -14.22 2.79 -17.64
CA ALA D 265 -14.62 2.28 -18.95
C ALA D 265 -14.43 3.26 -20.07
N SER D 266 -14.54 4.54 -19.73
CA SER D 266 -14.53 5.62 -20.69
C SER D 266 -13.13 6.01 -21.15
N ASP D 267 -13.07 6.71 -22.26
CA ASP D 267 -11.80 7.25 -22.75
C ASP D 267 -11.21 8.30 -21.84
N GLU D 268 -11.98 8.82 -20.90
CA GLU D 268 -11.46 9.78 -19.95
C GLU D 268 -10.46 9.10 -19.00
N ALA D 269 -10.47 7.77 -18.96
CA ALA D 269 -9.51 7.01 -18.16
C ALA D 269 -8.64 6.13 -19.04
N ARG D 270 -8.34 6.60 -20.26
CA ARG D 270 -7.65 5.82 -21.27
C ARG D 270 -6.26 5.35 -20.84
N TYR D 271 -5.59 6.08 -19.93
CA TYR D 271 -4.23 5.70 -19.54
C TYR D 271 -4.14 5.29 -18.08
N ILE D 272 -5.30 4.98 -17.48
CA ILE D 272 -5.37 4.54 -16.10
C ILE D 272 -5.48 3.02 -16.07
N THR D 273 -4.45 2.37 -15.52
CA THR D 273 -4.43 0.96 -15.39
C THR D 273 -3.65 0.54 -14.15
N GLY D 274 -4.03 -0.59 -13.55
CA GLY D 274 -3.39 -1.09 -12.35
C GLY D 274 -3.85 -0.55 -11.02
N VAL D 275 -4.96 0.18 -11.01
CA VAL D 275 -5.37 0.94 -9.82
C VAL D 275 -6.39 0.18 -9.01
N THR D 276 -6.25 0.27 -7.68
CA THR D 276 -7.28 -0.18 -6.73
C THR D 276 -8.02 1.09 -6.29
N LEU D 277 -9.28 1.25 -6.73
CA LEU D 277 -10.06 2.44 -6.42
C LEU D 277 -11.12 2.16 -5.38
N PRO D 278 -10.94 2.64 -4.15
CA PRO D 278 -12.05 2.53 -3.16
C PRO D 278 -13.15 3.53 -3.49
N ILE D 279 -14.39 3.08 -3.42
CA ILE D 279 -15.57 3.94 -3.34
C ILE D 279 -16.16 3.61 -1.98
N ASP D 280 -15.61 4.25 -0.96
CA ASP D 280 -15.69 3.73 0.38
C ASP D 280 -15.99 4.72 1.46
N ALA D 281 -16.32 5.96 1.08
CA ALA D 281 -16.67 6.97 2.02
C ALA D 281 -15.56 7.15 3.08
N GLY D 282 -14.32 6.82 2.70
CA GLY D 282 -13.18 6.98 3.57
C GLY D 282 -12.91 5.84 4.54
N SER D 283 -13.53 4.68 4.34
CA SER D 283 -13.25 3.50 5.20
CA SER D 283 -13.24 3.50 5.18
C SER D 283 -11.76 3.20 5.29
N CYS D 284 -11.06 3.29 4.18
CA CYS D 284 -9.63 2.90 4.16
C CYS D 284 -8.71 3.94 4.75
N LEU D 285 -9.26 5.08 5.17
CA LEU D 285 -8.47 6.05 5.92
C LEU D 285 -8.44 5.69 7.42
N LYS D 286 -9.27 4.75 7.85
CA LYS D 286 -9.33 4.40 9.27
C LYS D 286 -8.32 3.31 9.61
PA NAD E . 4.52 23.07 -15.22
O1A NAD E . 5.86 23.49 -14.75
O2A NAD E . 4.13 23.25 -16.64
O5B NAD E . 3.37 23.76 -14.37
C5B NAD E . 3.48 24.06 -12.97
C4B NAD E . 2.96 25.45 -12.70
O4B NAD E . 3.13 25.63 -11.28
C3B NAD E . 3.78 26.51 -13.42
O3B NAD E . 2.97 27.41 -14.12
C2B NAD E . 4.50 27.23 -12.27
O2B NAD E . 4.79 28.64 -12.42
C1B NAD E . 3.56 26.96 -11.11
N9A NAD E . 4.25 27.10 -9.81
C8A NAD E . 5.45 26.57 -9.45
N7A NAD E . 5.81 27.01 -8.22
C5A NAD E . 4.83 27.85 -7.82
C6A NAD E . 4.60 28.63 -6.61
N6A NAD E . 5.52 28.65 -5.64
N1A NAD E . 3.43 29.33 -6.50
C2A NAD E . 2.54 29.32 -7.49
N3A NAD E . 2.71 28.67 -8.66
C4A NAD E . 3.81 27.89 -8.83
O3 NAD E . 4.40 21.54 -14.80
PN NAD E . 3.13 20.58 -14.71
O1N NAD E . 3.49 19.28 -15.40
O2N NAD E . 1.86 21.24 -15.17
O5D NAD E . 3.11 20.39 -13.12
C5D NAD E . 1.87 20.29 -12.42
C4D NAD E . 1.98 19.36 -11.21
O4D NAD E . 2.17 18.01 -11.67
C3D NAD E . 3.20 19.68 -10.30
O3D NAD E . 2.85 19.45 -8.96
C2D NAD E . 4.17 18.60 -10.74
O2D NAD E . 5.10 18.27 -9.70
C1D NAD E . 3.27 17.41 -10.99
N1N NAD E . 3.81 16.36 -11.86
C2N NAD E . 4.32 16.60 -13.10
C3N NAD E . 4.80 15.58 -13.89
C7N NAD E . 5.28 15.82 -15.27
O7N NAD E . 5.81 14.89 -15.87
N7N NAD E . 5.12 17.00 -15.90
C4N NAD E . 4.75 14.23 -13.43
C5N NAD E . 4.18 14.02 -12.16
C6N NAD E . 3.71 15.06 -11.41
O1 PG4 F . -23.72 17.00 0.74
C1 PG4 F . -24.27 17.78 1.83
C2 PG4 F . -23.26 18.76 2.43
O2 PG4 F . -23.31 18.62 3.85
C3 PG4 F . -22.55 19.52 4.65
C4 PG4 F . -22.28 18.94 6.05
O3 PG4 F . -23.13 17.83 6.41
C5 PG4 F . -22.63 17.07 7.51
C6 PG4 F . -23.61 15.97 7.97
O4 PG4 F . -23.89 15.09 6.89
C1 EDO G . -26.51 10.48 -8.31
O1 EDO G . -27.34 10.12 -7.19
C2 EDO G . -25.07 10.68 -7.86
O2 EDO G . -24.38 11.46 -8.84
PA NAD H . 11.08 11.27 23.03
O1A NAD H . 10.52 12.66 22.91
O2A NAD H . 11.17 10.57 24.35
O5B NAD H . 12.48 11.16 22.38
C5B NAD H . 12.81 11.95 21.20
C4B NAD H . 14.23 12.48 21.39
O4B NAD H . 14.56 13.22 20.18
C3B NAD H . 14.33 13.47 22.54
O3B NAD H . 15.40 13.17 23.41
C2B NAD H . 14.51 14.80 21.82
O2B NAD H . 15.19 15.76 22.60
C1B NAD H . 15.25 14.37 20.53
N9A NAD H . 15.10 15.48 19.56
C8A NAD H . 13.94 16.11 19.19
N7A NAD H . 14.18 17.09 18.29
C5A NAD H . 15.55 17.03 18.05
C6A NAD H . 16.46 17.75 17.20
N6A NAD H . 16.00 18.81 16.49
N1A NAD H . 17.77 17.41 17.22
C2A NAD H . 18.24 16.38 17.98
N3A NAD H . 17.44 15.68 18.81
C4A NAD H . 16.12 15.97 18.85
O3 NAD H . 10.11 10.42 22.06
PN NAD H . 10.30 8.97 21.39
O1N NAD H . 8.99 8.28 21.67
O2N NAD H . 11.52 8.32 21.86
O5D NAD H . 10.39 9.41 19.87
C5D NAD H . 11.29 8.73 18.99
C4D NAD H . 10.80 8.69 17.58
O4D NAD H . 9.65 7.87 17.58
C3D NAD H . 10.34 10.06 17.04
O3D NAD H . 10.67 10.18 15.63
C2D NAD H . 8.84 10.01 17.22
O2D NAD H . 8.15 10.89 16.33
C1D NAD H . 8.56 8.55 16.93
N1N NAD H . 7.30 7.98 17.38
C2N NAD H . 6.94 8.08 18.70
C3N NAD H . 5.75 7.49 19.13
C7N NAD H . 5.34 7.50 20.55
O7N NAD H . 4.22 7.12 20.86
N7N NAD H . 6.23 7.88 21.50
C4N NAD H . 4.88 6.86 18.20
C5N NAD H . 5.33 6.76 16.87
C6N NAD H . 6.54 7.31 16.51
O1 PG4 I . 27.53 -8.29 1.32
C1 PG4 I . 28.41 -7.55 2.16
C2 PG4 I . 29.48 -6.91 1.29
O2 PG4 I . 29.05 -5.61 0.94
C3 PG4 I . 29.78 -5.16 -0.20
C4 PG4 I . 29.91 -3.66 -0.14
O3 PG4 I . 30.41 -3.17 -1.37
C5 PG4 I . 29.48 -3.15 -2.47
C6 PG4 I . 29.96 -4.07 -3.60
O4 PG4 I . 29.06 -3.98 -4.71
C1 EDO J . 24.36 -15.98 7.04
O1 EDO J . 24.52 -16.68 5.81
C2 EDO J . 23.44 -14.79 6.86
O2 EDO J . 23.50 -13.93 8.01
C1 EDO K . 3.82 13.52 18.63
O1 EDO K . 2.66 14.26 18.20
C2 EDO K . 3.57 12.04 18.36
O2 EDO K . 3.02 11.39 19.52
PA NAD L . 10.57 -25.81 -2.85
O1A NAD L . 9.78 -26.33 -4.01
O2A NAD L . 12.00 -26.22 -2.75
O5B NAD L . 9.90 -26.19 -1.48
C5B NAD L . 8.48 -26.25 -1.33
C4B NAD L . 8.12 -27.54 -0.59
O4B NAD L . 6.69 -27.50 -0.41
C3B NAD L . 8.49 -28.80 -1.35
O3B NAD L . 9.18 -29.69 -0.49
C2B NAD L . 7.11 -29.39 -1.71
O2B NAD L . 7.04 -30.83 -1.85
C1B NAD L . 6.24 -28.79 -0.59
N9A NAD L . 4.83 -28.83 -1.02
C8A NAD L . 4.32 -28.38 -2.23
N7A NAD L . 2.99 -28.64 -2.31
C5A NAD L . 2.65 -29.28 -1.12
C6A NAD L . 1.42 -29.81 -0.57
N6A NAD L . 0.28 -29.79 -1.28
N1A NAD L . 1.43 -30.33 0.67
C2A NAD L . 2.58 -30.40 1.40
N3A NAD L . 3.79 -29.91 0.93
C4A NAD L . 3.84 -29.39 -0.30
O3 NAD L . 10.42 -24.19 -2.95
PN NAD L . 10.70 -23.09 -1.84
O1N NAD L . 11.47 -22.03 -2.55
O2N NAD L . 11.28 -23.64 -0.60
O5D NAD L . 9.17 -22.62 -1.60
C5D NAD L . 8.72 -22.26 -0.31
C4D NAD L . 7.69 -21.14 -0.36
O4D NAD L . 8.32 -19.96 -0.86
C3D NAD L . 6.55 -21.43 -1.33
O3D NAD L . 5.30 -20.97 -0.79
C2D NAD L . 6.92 -20.64 -2.55
O2D NAD L . 5.80 -20.30 -3.38
C1D NAD L . 7.54 -19.42 -1.92
N1N NAD L . 8.40 -18.60 -2.75
C2N NAD L . 9.48 -19.15 -3.41
C3N NAD L . 10.33 -18.37 -4.17
C7N NAD L . 11.54 -18.88 -4.85
O7N NAD L . 12.13 -18.16 -5.62
N7N NAD L . 11.99 -20.15 -4.59
C4N NAD L . 10.06 -17.00 -4.25
C5N NAD L . 9.00 -16.47 -3.54
C6N NAD L . 8.18 -17.27 -2.76
O1 PG4 M . 1.26 -12.99 26.29
C1 PG4 M . 0.03 -13.30 26.93
C2 PG4 M . -0.66 -14.46 26.24
O2 PG4 M . -2.06 -14.37 26.51
C3 PG4 M . -2.86 -15.46 26.09
C4 PG4 M . -4.26 -14.91 25.91
O3 PG4 M . -4.23 -13.65 26.58
C5 PG4 M . -5.11 -12.67 26.05
C6 PG4 M . -4.86 -11.38 26.83
O4 PG4 M . -6.10 -10.70 27.00
C1 EDO N . 11.49 -7.87 26.35
O1 EDO N . 10.82 -6.99 27.25
C2 EDO N . 10.58 -8.17 25.17
O2 EDO N . 11.14 -9.21 24.36
PA NAD O . -26.13 -8.69 -5.07
O1A NAD O . -26.18 -10.00 -4.33
O2A NAD O . -27.31 -7.82 -5.09
O5B NAD O . -25.72 -8.93 -6.56
C5B NAD O . -24.73 -9.86 -6.94
C4B NAD O . -25.21 -10.59 -8.18
O4B NAD O . -24.23 -11.58 -8.53
C3B NAD O . -26.51 -11.36 -7.94
O3B NAD O . -27.47 -11.09 -8.96
C2B NAD O . -26.09 -12.80 -8.04
O2B NAD O . -27.10 -13.74 -8.47
C1B NAD O . -24.89 -12.73 -8.95
N9A NAD O . -24.01 -13.92 -8.78
C8A NAD O . -23.56 -14.46 -7.62
N7A NAD O . -22.86 -15.59 -7.85
C5A NAD O . -22.88 -15.79 -9.19
C6A NAD O . -22.34 -16.79 -10.09
N6A NAD O . -21.69 -17.81 -9.55
N1A NAD O . -22.53 -16.63 -11.39
C2A NAD O . -23.21 -15.58 -11.90
N3A NAD O . -23.81 -14.65 -11.14
C4A NAD O . -23.63 -14.69 -9.79
O3 NAD O . -24.90 -7.89 -4.43
PN NAD O . -24.09 -6.61 -4.95
O1N NAD O . -23.91 -5.66 -3.80
O2N NAD O . -24.64 -6.05 -6.22
O5D NAD O . -22.69 -7.33 -5.22
C5D NAD O . -21.89 -6.97 -6.35
C4D NAD O . -20.41 -7.10 -6.09
O4D NAD O . -20.05 -6.13 -5.11
C3D NAD O . -20.01 -8.46 -5.47
O3D NAD O . -18.75 -8.86 -6.01
C2D NAD O . -19.86 -8.18 -4.02
O2D NAD O . -18.98 -9.08 -3.36
C1D NAD O . -19.31 -6.77 -4.06
N1N NAD O . -19.44 -5.99 -2.83
C2N NAD O . -20.65 -5.71 -2.29
C3N NAD O . -20.78 -4.94 -1.12
C7N NAD O . -22.09 -4.62 -0.54
O7N NAD O . -22.10 -4.01 0.54
N7N NAD O . -23.26 -4.95 -1.18
C4N NAD O . -19.62 -4.34 -0.56
C5N NAD O . -18.39 -4.59 -1.22
C6N NAD O . -18.34 -5.38 -2.33
O1 PG4 P . -5.59 2.75 -28.48
C1 PG4 P . -5.45 2.01 -29.70
C2 PG4 P . -5.67 0.51 -29.46
O2 PG4 P . -4.45 -0.19 -29.67
C3 PG4 P . -4.50 -1.57 -30.02
C4 PG4 P . -3.13 -2.24 -29.80
O3 PG4 P . -2.06 -1.28 -29.91
C5 PG4 P . -0.83 -1.69 -29.30
C6 PG4 P . 0.32 -0.73 -29.64
O4 PG4 P . 0.06 0.60 -29.13
C1 EDO Q . -9.13 13.16 -25.08
O1 EDO Q . -7.90 13.40 -25.78
C2 EDO Q . -8.98 12.11 -24.00
O2 EDO Q . -10.26 11.51 -23.71
#